data_9IIA
#
_entry.id   9IIA
#
_cell.length_a   202.210
_cell.length_b   202.210
_cell.length_c   111.040
_cell.angle_alpha   90.00
_cell.angle_beta   90.00
_cell.angle_gamma   120.00
#
_symmetry.space_group_name_H-M   'P 63 2 2'
#
loop_
_entity.id
_entity.type
_entity.pdbx_description
1 polymer 'Dimethylallyl tryptophan synthase GliD1'
2 non-polymer PYROPHOSPHATE
3 non-polymer 2-[2-(2-METHOXY-ETHOXY)-ETHOXY]-ETHOXYL
4 non-polymer METHOXY-ETHOXYL
5 water water
#
_entity_poly.entity_id   1
_entity_poly.type   'polypeptide(L)'
_entity_poly.pdbx_seq_one_letter_code
;MTKVSASNGNGERLKAWASLSLLLPSRGPDCDYWWKLTGRHLASLMEAAGYATERQYEALVFHYHWMVPYMGPAPEADGK
LEWPCPLTVEGLPIEYSWKWNTATKRPVVRYTIEAKNRFTGSSMDPLNQDPSRELLHRLQMSVPGVDLTWFNHFLATLYD
QDRSKYAQAVAAGAEYTTSIMIAAELEPNGLTTKTYFIPQKVGLSLSDLPVSSLMDAIAGVCPQSAAKSILEEFLTSSGG
NLRPTMLAVDNVKPSDSRLKFYFQSPRTNFKSVRNVMTLGGRVPIAETQLQDLRSLLNASSGLPDDYAEDLDLPLAEHFS
PPIMDAREEKTLVLPGFGYYFDIAPGREYPEVKIFLRLTAYGQDDTSMGRGISAWMTAHGRGEYCPRYMSALETLVHGRH
LSEGKGVHTHVSCLFKKDGTLDITSYLVPEISSQPQMLYRN
;
_entity_poly.pdbx_strand_id   A,B
#
# COMPACT_ATOMS: atom_id res chain seq x y z
N LEU A 14 39.12 -13.21 8.12
CA LEU A 14 37.94 -12.44 7.75
C LEU A 14 38.30 -10.98 7.48
N LYS A 15 39.13 -10.75 6.47
CA LYS A 15 39.67 -9.40 6.25
C LYS A 15 38.56 -8.41 5.93
N ALA A 16 37.70 -8.75 4.97
CA ALA A 16 36.64 -7.83 4.56
C ALA A 16 35.77 -7.44 5.74
N TRP A 17 35.34 -8.40 6.53
CA TRP A 17 34.44 -8.09 7.63
C TRP A 17 35.14 -7.26 8.71
N ALA A 18 36.38 -7.61 9.06
CA ALA A 18 37.10 -6.84 10.08
C ALA A 18 37.30 -5.41 9.62
N SER A 19 37.79 -5.23 8.39
CA SER A 19 37.95 -3.89 7.84
C SER A 19 36.63 -3.14 7.80
N LEU A 20 35.65 -3.68 7.08
CA LEU A 20 34.40 -2.94 6.87
C LEU A 20 33.70 -2.62 8.18
N SER A 21 33.71 -3.54 9.14
CA SER A 21 32.96 -3.27 10.35
C SER A 21 33.69 -2.30 11.30
N LEU A 22 34.89 -1.86 10.97
CA LEU A 22 35.51 -0.74 11.69
C LEU A 22 35.31 0.59 10.98
N LEU A 23 35.10 0.56 9.66
CA LEU A 23 34.82 1.76 8.88
C LEU A 23 33.34 2.11 8.80
N LEU A 24 32.42 1.16 9.12
CA LEU A 24 31.00 1.47 8.96
C LEU A 24 30.42 1.87 10.31
N PRO A 25 29.77 3.02 10.41
CA PRO A 25 29.38 3.52 11.72
C PRO A 25 28.25 2.72 12.35
N SER A 26 28.18 2.86 13.66
CA SER A 26 27.04 2.38 14.43
C SER A 26 25.81 3.23 14.10
N ARG A 27 24.60 2.64 14.30
CA ARG A 27 23.40 3.25 13.72
C ARG A 27 22.13 3.09 14.55
N GLY A 28 22.17 2.60 15.77
CA GLY A 28 20.93 2.24 16.41
C GLY A 28 20.96 0.76 16.74
N PRO A 29 20.31 0.38 17.84
CA PRO A 29 20.47 -0.99 18.34
C PRO A 29 19.95 -2.05 17.37
N ASP A 30 18.87 -1.79 16.63
CA ASP A 30 18.31 -2.82 15.76
C ASP A 30 19.22 -3.08 14.57
N CYS A 31 19.57 -2.03 13.82
CA CYS A 31 20.51 -2.20 12.73
C CYS A 31 21.82 -2.82 13.21
N ASP A 32 22.29 -2.44 14.40
CA ASP A 32 23.59 -2.91 14.86
C ASP A 32 23.51 -4.39 15.21
N TYR A 33 22.45 -4.79 15.89
CA TYR A 33 22.19 -6.21 16.13
C TYR A 33 22.28 -7.04 14.85
N TRP A 34 21.55 -6.63 13.78
CA TRP A 34 21.46 -7.51 12.61
C TRP A 34 22.73 -7.46 11.78
N TRP A 35 23.34 -6.28 11.70
CA TRP A 35 24.62 -6.15 11.01
C TRP A 35 25.69 -7.01 11.67
N LYS A 36 25.77 -6.96 13.01
CA LYS A 36 26.82 -7.73 13.67
C LYS A 36 26.52 -9.22 13.60
N LEU A 37 25.27 -9.60 13.81
CA LEU A 37 24.93 -11.02 13.75
C LEU A 37 25.02 -11.56 12.32
N THR A 38 24.27 -10.96 11.38
CA THR A 38 24.18 -11.59 10.07
C THR A 38 25.25 -11.13 9.09
N GLY A 39 25.81 -9.94 9.27
CA GLY A 39 26.95 -9.54 8.46
C GLY A 39 28.15 -10.46 8.65
N ARG A 40 28.38 -10.92 9.88
CA ARG A 40 29.49 -11.84 10.12
C ARG A 40 29.22 -13.21 9.52
N HIS A 41 27.97 -13.67 9.61
CA HIS A 41 27.60 -14.94 9.01
C HIS A 41 27.81 -14.92 7.50
N LEU A 42 27.36 -13.87 6.82
CA LEU A 42 27.59 -13.79 5.39
C LEU A 42 29.08 -13.78 5.07
N ALA A 43 29.86 -13.09 5.89
CA ALA A 43 31.30 -13.03 5.63
C ALA A 43 31.94 -14.41 5.79
N SER A 44 31.52 -15.17 6.81
CA SER A 44 32.04 -16.52 6.98
C SER A 44 31.68 -17.42 5.79
N LEU A 45 30.42 -17.36 5.35
CA LEU A 45 30.01 -18.18 4.22
C LEU A 45 30.72 -17.74 2.94
N MET A 46 30.79 -16.44 2.70
CA MET A 46 31.51 -15.92 1.54
C MET A 46 32.99 -16.29 1.58
N GLU A 47 33.62 -16.21 2.76
CA GLU A 47 35.02 -16.61 2.87
C GLU A 47 35.17 -18.11 2.62
N ALA A 48 34.34 -18.94 3.28
CA ALA A 48 34.40 -20.39 3.10
C ALA A 48 34.21 -20.79 1.65
N ALA A 49 33.50 -19.97 0.87
CA ALA A 49 33.24 -20.27 -0.53
C ALA A 49 34.30 -19.72 -1.47
N GLY A 50 35.29 -19.00 -0.95
CA GLY A 50 36.35 -18.51 -1.80
C GLY A 50 36.05 -17.22 -2.51
N TYR A 51 35.11 -16.43 -1.99
CA TYR A 51 34.82 -15.12 -2.55
C TYR A 51 36.06 -14.23 -2.44
N ALA A 52 36.43 -13.62 -3.57
CA ALA A 52 37.43 -12.57 -3.58
C ALA A 52 37.08 -11.46 -2.59
N THR A 53 38.08 -10.70 -2.15
CA THR A 53 37.84 -9.65 -1.16
C THR A 53 36.95 -8.54 -1.74
N GLU A 54 37.11 -8.23 -3.04
CA GLU A 54 36.30 -7.18 -3.65
C GLU A 54 34.83 -7.57 -3.65
N ARG A 55 34.53 -8.83 -3.98
CA ARG A 55 33.15 -9.29 -3.98
C ARG A 55 32.58 -9.28 -2.58
N GLN A 56 33.41 -9.61 -1.59
CA GLN A 56 32.95 -9.58 -0.21
C GLN A 56 32.60 -8.17 0.24
N TYR A 57 33.42 -7.19 -0.14
CA TYR A 57 33.17 -5.80 0.25
C TYR A 57 31.84 -5.32 -0.31
N GLU A 58 31.60 -5.60 -1.59
CA GLU A 58 30.36 -5.16 -2.23
C GLU A 58 29.14 -5.77 -1.56
N ALA A 59 29.15 -7.09 -1.35
CA ALA A 59 28.02 -7.76 -0.71
C ALA A 59 27.78 -7.21 0.69
N LEU A 60 28.84 -7.07 1.47
CA LEU A 60 28.67 -6.61 2.85
C LEU A 60 28.22 -5.15 2.88
N VAL A 61 28.74 -4.34 1.97
CA VAL A 61 28.27 -2.96 1.86
C VAL A 61 26.81 -2.93 1.45
N PHE A 62 26.43 -3.77 0.47
CA PHE A 62 25.02 -3.85 0.08
C PHE A 62 24.17 -4.31 1.26
N HIS A 63 24.64 -5.33 1.98
CA HIS A 63 23.90 -5.81 3.15
C HIS A 63 23.68 -4.69 4.16
N TYR A 64 24.75 -3.94 4.47
CA TYR A 64 24.67 -2.91 5.51
C TYR A 64 23.63 -1.85 5.15
N HIS A 65 23.63 -1.39 3.91
CA HIS A 65 22.78 -0.25 3.56
C HIS A 65 21.38 -0.63 3.15
N TRP A 66 21.20 -1.75 2.43
CA TRP A 66 19.91 -2.02 1.82
C TRP A 66 19.09 -3.09 2.52
N MET A 67 19.70 -4.10 3.10
CA MET A 67 18.94 -5.17 3.74
C MET A 67 18.78 -5.00 5.25
N VAL A 68 19.90 -4.80 5.97
CA VAL A 68 19.83 -4.63 7.42
C VAL A 68 18.75 -3.65 7.88
N PRO A 69 18.63 -2.43 7.30
CA PRO A 69 17.61 -1.50 7.82
C PRO A 69 16.18 -2.00 7.68
N TYR A 70 15.95 -3.00 6.82
CA TYR A 70 14.61 -3.54 6.61
C TYR A 70 14.34 -4.77 7.44
N MET A 71 15.33 -5.25 8.20
CA MET A 71 15.15 -6.44 9.00
C MET A 71 14.37 -6.20 10.29
N GLY A 72 14.00 -4.96 10.59
CA GLY A 72 13.11 -4.69 11.70
C GLY A 72 13.77 -4.75 13.07
N PRO A 73 12.96 -4.91 14.12
CA PRO A 73 13.50 -4.89 15.48
C PRO A 73 14.43 -6.05 15.78
N ALA A 74 15.37 -5.80 16.68
CA ALA A 74 16.14 -6.89 17.23
C ALA A 74 15.21 -7.78 18.06
N PRO A 75 15.50 -9.06 18.16
CA PRO A 75 14.69 -9.90 19.05
C PRO A 75 14.94 -9.48 20.49
N GLU A 76 14.03 -9.91 21.36
CA GLU A 76 14.14 -9.55 22.75
C GLU A 76 15.03 -10.53 23.50
N ALA A 77 15.17 -10.29 24.79
CA ALA A 77 15.92 -11.19 25.62
C ALA A 77 15.31 -12.55 25.50
N ASP A 78 14.00 -12.60 25.31
CA ASP A 78 13.32 -13.87 25.17
C ASP A 78 13.37 -14.34 23.73
N GLY A 79 14.36 -13.88 22.97
CA GLY A 79 14.45 -14.23 21.56
C GLY A 79 13.07 -14.11 20.95
N LYS A 80 12.34 -13.07 21.32
CA LYS A 80 10.99 -12.90 20.84
C LYS A 80 10.81 -11.76 19.90
N LEU A 81 9.94 -11.95 18.93
CA LEU A 81 9.64 -10.87 17.99
C LEU A 81 8.14 -10.72 17.85
N GLU A 82 7.69 -9.47 17.70
CA GLU A 82 6.27 -9.19 17.55
C GLU A 82 5.71 -9.84 16.29
N TRP A 83 6.48 -9.79 15.19
CA TRP A 83 6.07 -10.33 13.89
C TRP A 83 7.11 -11.37 13.46
N PRO A 84 6.99 -12.61 13.90
CA PRO A 84 8.04 -13.61 13.62
C PRO A 84 7.88 -14.20 12.23
N CYS A 85 8.98 -14.67 11.70
CA CYS A 85 9.08 -15.13 10.33
C CYS A 85 9.23 -16.64 10.27
N PRO A 86 8.54 -17.32 9.34
CA PRO A 86 8.62 -18.80 9.29
C PRO A 86 9.92 -19.34 8.69
N LEU A 87 10.83 -18.47 8.28
CA LEU A 87 12.15 -18.90 7.80
C LEU A 87 12.94 -19.68 8.85
N THR A 88 12.60 -19.53 10.14
CA THR A 88 13.40 -20.04 11.25
C THR A 88 12.45 -20.53 12.33
N VAL A 89 12.85 -21.59 13.03
CA VAL A 89 12.04 -22.03 14.18
C VAL A 89 11.98 -20.95 15.25
N GLU A 90 13.02 -20.12 15.34
CA GLU A 90 13.04 -18.96 16.22
C GLU A 90 12.43 -17.70 15.58
N GLY A 91 11.95 -17.78 14.35
CA GLY A 91 11.24 -16.66 13.76
C GLY A 91 12.09 -15.52 13.23
N LEU A 92 13.37 -15.74 12.99
CA LEU A 92 14.22 -14.64 12.57
C LEU A 92 13.99 -14.32 11.09
N PRO A 93 14.09 -13.07 10.69
CA PRO A 93 13.73 -12.70 9.32
C PRO A 93 14.86 -12.84 8.30
N ILE A 94 15.61 -13.93 8.35
CA ILE A 94 16.70 -14.12 7.40
C ILE A 94 16.98 -15.62 7.27
N GLU A 95 17.34 -16.04 6.05
CA GLU A 95 17.80 -17.38 5.77
C GLU A 95 18.89 -17.28 4.73
N TYR A 96 20.01 -17.95 4.97
CA TYR A 96 21.09 -18.00 3.99
C TYR A 96 20.92 -19.23 3.12
N SER A 97 21.56 -19.21 1.95
CA SER A 97 21.71 -20.44 1.19
C SER A 97 23.11 -20.56 0.66
N TRP A 98 23.56 -21.81 0.54
CA TRP A 98 24.87 -22.18 0.00
C TRP A 98 24.60 -23.03 -1.25
N LYS A 99 24.76 -22.47 -2.43
CA LYS A 99 24.70 -23.29 -3.62
C LYS A 99 26.04 -23.97 -3.82
N TRP A 100 26.03 -25.28 -3.95
CA TRP A 100 27.26 -26.02 -3.98
C TRP A 100 28.00 -25.81 -5.30
N ASN A 101 29.32 -25.95 -5.21
CA ASN A 101 30.19 -25.88 -6.37
C ASN A 101 29.86 -26.99 -7.35
N THR A 102 29.97 -26.68 -8.62
CA THR A 102 29.87 -27.63 -9.71
C THR A 102 31.27 -27.87 -10.26
N ALA A 103 31.33 -28.53 -11.43
CA ALA A 103 32.61 -28.70 -12.10
C ALA A 103 33.19 -27.35 -12.52
N THR A 104 32.33 -26.41 -12.86
CA THR A 104 32.74 -25.17 -13.50
C THR A 104 32.55 -23.93 -12.64
N LYS A 105 32.01 -24.04 -11.42
CA LYS A 105 31.81 -22.83 -10.64
C LYS A 105 32.01 -23.07 -9.14
N ARG A 106 32.48 -22.02 -8.46
CA ARG A 106 32.61 -22.02 -7.01
C ARG A 106 31.23 -21.94 -6.36
N PRO A 107 31.13 -22.19 -5.05
CA PRO A 107 29.82 -22.05 -4.38
C PRO A 107 29.30 -20.62 -4.45
N VAL A 108 27.98 -20.49 -4.38
CA VAL A 108 27.31 -19.20 -4.41
C VAL A 108 26.59 -19.01 -3.08
N VAL A 109 26.77 -17.84 -2.49
CA VAL A 109 26.16 -17.50 -1.21
C VAL A 109 25.06 -16.50 -1.46
N ARG A 110 23.85 -16.83 -1.05
CA ARG A 110 22.72 -15.92 -1.14
C ARG A 110 21.94 -15.95 0.17
N TYR A 111 20.95 -15.07 0.27
CA TYR A 111 20.10 -15.04 1.46
C TYR A 111 18.78 -14.34 1.16
N THR A 112 17.82 -14.58 2.04
CA THR A 112 16.47 -14.05 1.95
C THR A 112 16.11 -13.35 3.26
N ILE A 113 15.41 -12.22 3.17
CA ILE A 113 14.91 -11.53 4.35
C ILE A 113 13.41 -11.31 4.20
N GLU A 114 12.75 -11.04 5.32
CA GLU A 114 11.46 -10.37 5.30
C GLU A 114 11.69 -8.91 5.64
N ALA A 115 11.14 -8.01 4.83
CA ALA A 115 11.29 -6.57 5.05
C ALA A 115 10.24 -6.05 6.05
N LYS A 116 10.67 -5.25 7.03
CA LYS A 116 9.81 -4.82 8.13
C LYS A 116 10.02 -3.35 8.43
N ASN A 117 8.99 -2.73 9.00
CA ASN A 117 9.06 -1.35 9.42
C ASN A 117 8.17 -1.22 10.66
N ARG A 118 7.94 -0.02 11.13
CA ARG A 118 7.15 0.20 12.34
C ARG A 118 5.66 -0.09 12.24
N PHE A 119 5.14 -0.20 11.04
CA PHE A 119 3.74 -0.46 10.87
C PHE A 119 3.52 -1.90 10.47
N THR A 120 4.58 -2.67 10.44
CA THR A 120 4.50 -4.08 10.10
C THR A 120 3.42 -4.75 10.92
N GLY A 121 2.42 -5.31 10.25
CA GLY A 121 1.42 -6.06 10.97
C GLY A 121 0.31 -5.24 11.60
N SER A 122 0.40 -3.92 11.54
CA SER A 122 -0.64 -3.08 12.12
C SER A 122 -1.86 -3.07 11.20
N SER A 123 -2.93 -2.42 11.68
CA SER A 123 -4.17 -2.40 10.91
C SER A 123 -3.97 -1.74 9.55
N MET A 124 -3.01 -0.84 9.40
CA MET A 124 -2.78 -0.28 8.08
C MET A 124 -1.97 -1.22 7.16
N ASP A 125 -1.24 -2.19 7.72
CA ASP A 125 -0.44 -3.13 6.90
C ASP A 125 -0.46 -4.50 7.56
N PRO A 126 -1.61 -5.17 7.57
CA PRO A 126 -1.75 -6.39 8.36
C PRO A 126 -1.04 -7.60 7.77
N LEU A 127 -0.68 -7.59 6.49
CA LEU A 127 0.10 -8.66 5.90
C LEU A 127 1.57 -8.26 5.72
N ASN A 128 1.96 -7.09 6.22
CA ASN A 128 3.33 -6.60 6.17
C ASN A 128 3.90 -6.59 4.74
N GLN A 129 3.28 -5.81 3.88
CA GLN A 129 3.70 -5.74 2.49
C GLN A 129 4.31 -4.40 2.10
N ASP A 130 4.04 -3.32 2.86
CA ASP A 130 4.55 -2.00 2.47
C ASP A 130 6.07 -1.89 2.56
N PRO A 131 6.76 -2.49 3.54
CA PRO A 131 8.23 -2.35 3.53
C PRO A 131 8.87 -2.98 2.31
N SER A 132 8.35 -4.11 1.82
CA SER A 132 8.88 -4.72 0.59
C SER A 132 8.66 -3.81 -0.61
N ARG A 133 7.47 -3.22 -0.72
CA ARG A 133 7.20 -2.27 -1.80
C ARG A 133 8.24 -1.16 -1.79
N GLU A 134 8.50 -0.60 -0.60
CA GLU A 134 9.43 0.54 -0.53
C GLU A 134 10.87 0.10 -0.81
N LEU A 135 11.32 -1.02 -0.22
CA LEU A 135 12.65 -1.52 -0.51
C LEU A 135 12.86 -1.75 -2.01
N LEU A 136 11.96 -2.51 -2.64
CA LEU A 136 12.14 -2.80 -4.06
C LEU A 136 12.06 -1.54 -4.92
N HIS A 137 11.17 -0.60 -4.58
CA HIS A 137 11.09 0.64 -5.36
C HIS A 137 12.36 1.48 -5.22
N ARG A 138 12.91 1.56 -4.01
CA ARG A 138 14.13 2.34 -3.81
C ARG A 138 15.31 1.67 -4.50
N LEU A 139 15.35 0.33 -4.49
CA LEU A 139 16.36 -0.35 -5.28
C LEU A 139 16.19 -0.05 -6.77
N GLN A 140 14.96 -0.10 -7.27
CA GLN A 140 14.72 0.20 -8.68
C GLN A 140 15.14 1.62 -9.03
N MET A 141 14.90 2.59 -8.14
CA MET A 141 15.30 3.96 -8.45
C MET A 141 16.81 4.12 -8.43
N SER A 142 17.52 3.19 -7.83
CA SER A 142 18.93 3.38 -7.53
C SER A 142 19.85 2.44 -8.29
N VAL A 143 19.39 1.23 -8.58
CA VAL A 143 20.17 0.21 -9.29
C VAL A 143 19.46 -0.21 -10.58
N PRO A 144 20.19 -0.35 -11.70
CA PRO A 144 19.53 -0.71 -12.97
C PRO A 144 19.00 -2.14 -13.04
N GLY A 145 17.99 -2.32 -13.90
CA GLY A 145 17.48 -3.62 -14.23
C GLY A 145 16.39 -4.16 -13.34
N VAL A 146 15.91 -3.38 -12.36
CA VAL A 146 14.85 -3.84 -11.48
C VAL A 146 13.51 -3.59 -12.16
N ASP A 147 12.70 -4.63 -12.26
CA ASP A 147 11.40 -4.56 -12.90
C ASP A 147 10.39 -5.17 -11.95
N LEU A 148 9.28 -4.46 -11.71
CA LEU A 148 8.32 -4.84 -10.67
C LEU A 148 6.92 -5.08 -11.23
N THR A 149 6.82 -5.30 -12.54
CA THR A 149 5.56 -5.70 -13.16
C THR A 149 4.93 -6.87 -12.44
N TRP A 150 5.68 -7.96 -12.30
CA TRP A 150 5.06 -9.14 -11.72
C TRP A 150 4.90 -8.98 -10.23
N PHE A 151 5.85 -8.30 -9.58
CA PHE A 151 5.69 -7.99 -8.16
C PHE A 151 4.35 -7.30 -7.92
N ASN A 152 4.11 -6.21 -8.65
CA ASN A 152 2.85 -5.47 -8.46
C ASN A 152 1.64 -6.29 -8.87
N HIS A 153 1.76 -7.08 -9.94
CA HIS A 153 0.60 -7.90 -10.33
C HIS A 153 0.23 -8.89 -9.24
N PHE A 154 1.22 -9.54 -8.63
CA PHE A 154 0.87 -10.57 -7.64
C PHE A 154 0.46 -9.97 -6.29
N LEU A 155 0.93 -8.77 -5.97
CA LEU A 155 0.33 -8.02 -4.87
C LEU A 155 -1.17 -7.84 -5.08
N ALA A 156 -1.57 -7.49 -6.30
CA ALA A 156 -2.98 -7.20 -6.56
C ALA A 156 -3.85 -8.47 -6.61
N THR A 157 -3.29 -9.63 -6.95
CA THR A 157 -4.16 -10.80 -7.23
C THR A 157 -4.05 -11.94 -6.23
N LEU A 158 -3.00 -12.01 -5.41
CA LEU A 158 -2.86 -13.11 -4.47
C LEU A 158 -3.48 -12.82 -3.11
N TYR A 159 -4.11 -11.66 -2.92
CA TYR A 159 -4.57 -11.25 -1.61
C TYR A 159 -5.86 -10.47 -1.75
N ASP A 160 -6.69 -10.50 -0.72
CA ASP A 160 -7.80 -9.55 -0.68
C ASP A 160 -7.23 -8.15 -0.52
N GLN A 161 -7.91 -7.19 -1.13
CA GLN A 161 -7.35 -5.85 -1.32
C GLN A 161 -7.84 -4.84 -0.30
N ASP A 162 -9.01 -5.06 0.29
CA ASP A 162 -9.53 -4.19 1.35
C ASP A 162 -8.84 -4.62 2.63
N ARG A 163 -7.86 -3.82 3.08
N ARG A 163 -7.85 -3.81 3.06
CA ARG A 163 -7.07 -4.21 4.24
CA ARG A 163 -7.08 -4.16 4.25
C ARG A 163 -7.87 -4.17 5.54
C ARG A 163 -7.94 -4.25 5.49
N SER A 164 -8.99 -3.44 5.58
CA SER A 164 -9.83 -3.46 6.76
C SER A 164 -10.61 -4.78 6.90
N LYS A 165 -10.65 -5.63 5.86
CA LYS A 165 -11.18 -6.98 6.05
C LYS A 165 -10.21 -7.85 6.84
N TYR A 166 -8.90 -7.79 6.53
CA TYR A 166 -7.93 -8.53 7.33
C TYR A 166 -7.92 -8.06 8.77
N ALA A 167 -8.15 -6.77 9.01
CA ALA A 167 -8.13 -6.22 10.37
C ALA A 167 -9.32 -6.70 11.17
N GLN A 168 -10.53 -6.69 10.57
CA GLN A 168 -11.68 -7.26 11.24
C GLN A 168 -11.42 -8.70 11.65
N ALA A 169 -10.79 -9.47 10.76
CA ALA A 169 -10.52 -10.87 11.07
C ALA A 169 -9.50 -11.00 12.19
N VAL A 170 -8.47 -10.17 12.18
CA VAL A 170 -7.51 -10.15 13.30
C VAL A 170 -8.23 -9.80 14.59
N ALA A 171 -9.21 -8.89 14.52
CA ALA A 171 -10.09 -8.59 15.64
C ALA A 171 -11.03 -9.74 15.97
N ALA A 172 -10.89 -10.89 15.30
CA ALA A 172 -11.65 -12.09 15.63
C ALA A 172 -10.73 -13.29 15.85
N GLY A 173 -9.44 -13.07 16.05
CA GLY A 173 -8.51 -14.12 16.40
C GLY A 173 -7.72 -14.74 15.25
N ALA A 174 -7.73 -14.15 14.07
CA ALA A 174 -6.93 -14.68 12.98
C ALA A 174 -5.47 -14.35 13.21
N GLU A 175 -4.57 -15.26 12.85
CA GLU A 175 -3.14 -15.11 13.08
C GLU A 175 -2.44 -15.04 11.73
N TYR A 176 -2.43 -13.85 11.15
CA TYR A 176 -1.75 -13.62 9.88
C TYR A 176 -0.24 -13.52 10.10
N THR A 177 0.48 -14.00 9.10
CA THR A 177 1.92 -14.04 9.17
C THR A 177 2.57 -13.58 7.90
N THR A 178 3.88 -13.72 7.80
CA THR A 178 4.63 -13.28 6.64
C THR A 178 3.98 -13.58 5.31
N SER A 179 3.94 -12.58 4.44
CA SER A 179 3.36 -12.73 3.14
C SER A 179 4.39 -12.53 2.04
N ILE A 180 5.42 -11.76 2.31
CA ILE A 180 6.40 -11.43 1.27
C ILE A 180 7.82 -11.49 1.82
N MET A 181 8.71 -12.12 1.05
CA MET A 181 10.12 -12.09 1.36
C MET A 181 10.91 -11.75 0.11
N ILE A 182 12.13 -11.26 0.32
CA ILE A 182 12.91 -10.68 -0.74
C ILE A 182 14.32 -11.23 -0.65
N ALA A 183 14.89 -11.58 -1.80
CA ALA A 183 16.24 -12.13 -1.86
C ALA A 183 17.08 -11.29 -2.82
N ALA A 184 18.33 -11.10 -2.46
CA ALA A 184 19.35 -10.59 -3.35
C ALA A 184 20.33 -11.73 -3.64
N GLU A 185 20.61 -11.93 -4.92
CA GLU A 185 21.53 -12.99 -5.29
C GLU A 185 22.91 -12.39 -5.47
N LEU A 186 23.89 -12.99 -4.80
CA LEU A 186 25.24 -12.51 -4.89
C LEU A 186 25.96 -13.40 -5.88
N GLU A 187 25.41 -13.51 -7.08
CA GLU A 187 26.02 -14.35 -8.10
C GLU A 187 27.13 -13.63 -8.86
N PRO A 188 28.02 -14.39 -9.51
CA PRO A 188 29.15 -13.80 -10.25
C PRO A 188 28.85 -12.52 -11.04
N ASN A 189 27.71 -12.39 -11.69
CA ASN A 189 27.40 -11.11 -12.34
C ASN A 189 26.52 -10.28 -11.41
N GLY A 190 27.11 -9.28 -10.77
CA GLY A 190 26.36 -8.32 -9.97
C GLY A 190 25.36 -8.97 -9.03
N LEU A 191 24.22 -8.31 -8.86
CA LEU A 191 23.13 -8.80 -8.02
C LEU A 191 21.79 -8.41 -8.66
N THR A 192 20.82 -9.32 -8.55
CA THR A 192 19.45 -9.12 -8.97
C THR A 192 18.53 -9.61 -7.86
N THR A 193 17.25 -9.24 -7.90
CA THR A 193 16.36 -9.56 -6.78
C THR A 193 15.22 -10.50 -7.18
N LYS A 194 14.75 -11.23 -6.18
CA LYS A 194 13.62 -12.13 -6.29
C LYS A 194 12.64 -11.79 -5.18
N THR A 195 11.36 -12.10 -5.42
CA THR A 195 10.30 -11.92 -4.43
C THR A 195 9.54 -13.22 -4.26
N TYR A 196 9.23 -13.55 -3.02
CA TYR A 196 8.41 -14.70 -2.67
C TYR A 196 7.09 -14.21 -2.12
N PHE A 197 5.99 -14.81 -2.58
CA PHE A 197 4.65 -14.49 -2.10
C PHE A 197 4.02 -15.70 -1.47
N ILE A 198 3.61 -15.58 -0.22
CA ILE A 198 2.77 -16.57 0.45
C ILE A 198 1.35 -16.04 0.41
N PRO A 199 0.46 -16.62 -0.41
CA PRO A 199 -0.93 -16.12 -0.51
C PRO A 199 -1.71 -16.32 0.78
N GLN A 200 -2.54 -15.33 1.11
CA GLN A 200 -3.40 -15.38 2.29
C GLN A 200 -4.65 -14.56 2.03
N LYS A 201 -5.81 -15.09 2.40
CA LYS A 201 -7.11 -14.50 2.13
C LYS A 201 -7.85 -14.26 3.44
N VAL A 202 -8.92 -13.46 3.37
CA VAL A 202 -9.61 -13.01 4.57
C VAL A 202 -10.51 -14.07 5.20
N GLY A 203 -10.78 -15.18 4.52
CA GLY A 203 -11.74 -16.12 5.05
C GLY A 203 -11.42 -17.60 5.02
N LEU A 204 -10.24 -17.98 4.51
CA LEU A 204 -9.93 -19.39 4.30
C LEU A 204 -8.44 -19.64 4.53
N SER A 205 -8.10 -20.90 4.75
CA SER A 205 -6.70 -21.28 4.92
C SER A 205 -6.01 -21.37 3.56
N LEU A 206 -4.68 -21.25 3.58
CA LEU A 206 -3.92 -21.49 2.36
C LEU A 206 -4.14 -22.91 1.85
N SER A 207 -4.21 -23.87 2.78
CA SER A 207 -4.57 -25.24 2.42
C SER A 207 -5.93 -25.29 1.74
N ASP A 208 -6.88 -24.43 2.18
CA ASP A 208 -8.18 -24.33 1.54
C ASP A 208 -8.17 -23.51 0.25
N LEU A 209 -7.10 -22.72 0.00
CA LEU A 209 -7.01 -21.96 -1.24
C LEU A 209 -6.97 -22.91 -2.42
N PRO A 210 -7.95 -22.86 -3.32
CA PRO A 210 -7.87 -23.71 -4.52
C PRO A 210 -6.68 -23.34 -5.39
N VAL A 211 -6.05 -24.36 -5.96
CA VAL A 211 -4.99 -24.13 -6.95
C VAL A 211 -5.50 -23.27 -8.09
N SER A 212 -6.78 -23.40 -8.42
CA SER A 212 -7.32 -22.71 -9.59
C SER A 212 -7.25 -21.21 -9.44
N SER A 213 -7.51 -20.69 -8.23
CA SER A 213 -7.45 -19.24 -8.04
C SER A 213 -6.03 -18.74 -8.24
N LEU A 214 -5.03 -19.46 -7.72
CA LEU A 214 -3.65 -19.06 -7.93
C LEU A 214 -3.30 -19.09 -9.41
N MET A 215 -3.69 -20.16 -10.10
CA MET A 215 -3.40 -20.26 -11.52
C MET A 215 -4.06 -19.14 -12.31
N ASP A 216 -5.24 -18.68 -11.86
CA ASP A 216 -5.84 -17.51 -12.51
C ASP A 216 -4.95 -16.29 -12.36
N ALA A 217 -4.37 -16.09 -11.18
CA ALA A 217 -3.42 -15.00 -11.01
C ALA A 217 -2.21 -15.20 -11.91
N ILE A 218 -1.70 -16.43 -11.99
CA ILE A 218 -0.59 -16.71 -12.89
C ILE A 218 -0.98 -16.41 -14.33
N ALA A 219 -2.23 -16.71 -14.72
CA ALA A 219 -2.65 -16.47 -16.10
C ALA A 219 -2.62 -14.99 -16.46
N GLY A 220 -2.58 -14.09 -15.46
CA GLY A 220 -2.51 -12.67 -15.75
C GLY A 220 -1.20 -12.24 -16.39
N VAL A 221 -0.11 -12.98 -16.18
CA VAL A 221 1.16 -12.67 -16.82
C VAL A 221 1.66 -13.79 -17.71
N CYS A 222 1.14 -14.99 -17.57
CA CYS A 222 1.55 -16.16 -18.36
C CYS A 222 0.28 -16.90 -18.74
N PRO A 223 -0.43 -16.42 -19.77
CA PRO A 223 -1.73 -17.04 -20.08
C PRO A 223 -1.57 -18.46 -20.62
N GLN A 224 -0.58 -18.71 -21.48
CA GLN A 224 -0.29 -20.08 -21.86
C GLN A 224 1.20 -20.31 -21.99
N SER A 225 1.61 -21.54 -21.68
CA SER A 225 2.97 -22.03 -21.91
C SER A 225 2.91 -23.53 -21.75
N ALA A 226 3.73 -24.22 -22.55
CA ALA A 226 3.78 -25.68 -22.48
C ALA A 226 4.06 -26.14 -21.05
N ALA A 227 5.01 -25.49 -20.37
CA ALA A 227 5.29 -25.85 -18.98
C ALA A 227 4.04 -25.72 -18.12
N LYS A 228 3.34 -24.60 -18.23
CA LYS A 228 2.10 -24.44 -17.47
C LYS A 228 1.12 -25.55 -17.79
N SER A 229 0.91 -25.82 -19.07
CA SER A 229 -0.06 -26.84 -19.44
C SER A 229 0.35 -28.22 -18.93
N ILE A 230 1.65 -28.54 -19.00
CA ILE A 230 2.15 -29.80 -18.46
C ILE A 230 1.90 -29.88 -16.95
N LEU A 231 2.04 -28.76 -16.24
CA LEU A 231 1.81 -28.79 -14.80
C LEU A 231 0.33 -28.97 -14.46
N GLU A 232 -0.57 -28.30 -15.18
CA GLU A 232 -1.98 -28.47 -14.83
C GLU A 232 -2.50 -29.85 -15.22
N GLU A 233 -1.99 -30.45 -16.30
CA GLU A 233 -2.31 -31.85 -16.59
C GLU A 233 -1.80 -32.75 -15.47
N PHE A 234 -0.57 -32.51 -15.00
CA PHE A 234 -0.04 -33.29 -13.89
C PHE A 234 -0.88 -33.12 -12.64
N LEU A 235 -1.31 -31.89 -12.35
CA LEU A 235 -2.00 -31.65 -11.08
C LEU A 235 -3.40 -32.26 -11.07
N THR A 236 -4.04 -32.44 -12.22
CA THR A 236 -5.33 -33.12 -12.25
C THR A 236 -5.22 -34.63 -12.47
N SER A 237 -4.06 -35.21 -12.14
CA SER A 237 -3.82 -36.63 -12.36
C SER A 237 -2.55 -37.09 -11.65
N SER A 238 -2.65 -37.85 -10.57
CA SER A 238 -1.44 -38.37 -9.89
C SER A 238 -0.62 -37.27 -9.26
N GLY A 239 -0.91 -36.01 -9.57
CA GLY A 239 -0.43 -34.87 -8.82
C GLY A 239 -1.45 -34.30 -7.87
N GLY A 240 -2.59 -34.97 -7.70
CA GLY A 240 -3.70 -34.41 -6.95
C GLY A 240 -3.43 -34.18 -5.48
N ASN A 241 -2.41 -34.81 -4.91
CA ASN A 241 -2.13 -34.64 -3.48
C ASN A 241 -1.24 -33.43 -3.17
N LEU A 242 -0.86 -32.63 -4.17
CA LEU A 242 0.05 -31.52 -3.96
C LEU A 242 -0.75 -30.28 -3.56
N ARG A 243 -0.29 -29.59 -2.52
CA ARG A 243 -0.97 -28.38 -2.06
C ARG A 243 -0.09 -27.17 -2.33
N PRO A 244 -0.62 -26.13 -2.96
CA PRO A 244 0.17 -24.94 -3.25
C PRO A 244 0.57 -24.21 -1.98
N THR A 245 1.81 -23.68 -1.96
CA THR A 245 2.29 -22.98 -0.77
C THR A 245 2.80 -21.57 -1.01
N MET A 246 3.32 -21.28 -2.20
CA MET A 246 4.13 -20.08 -2.47
C MET A 246 4.29 -19.89 -3.97
N LEU A 247 4.57 -18.65 -4.35
CA LEU A 247 5.01 -18.29 -5.69
C LEU A 247 6.22 -17.38 -5.59
N ALA A 248 7.13 -17.49 -6.56
CA ALA A 248 8.28 -16.58 -6.62
C ALA A 248 8.50 -16.12 -8.04
N VAL A 249 9.03 -14.90 -8.15
CA VAL A 249 9.41 -14.29 -9.41
C VAL A 249 10.78 -13.68 -9.22
N ASP A 250 11.47 -13.43 -10.35
CA ASP A 250 12.64 -12.57 -10.36
C ASP A 250 12.19 -11.17 -10.75
N ASN A 251 12.69 -10.15 -10.06
CA ASN A 251 12.29 -8.78 -10.36
C ASN A 251 13.17 -8.21 -11.48
N VAL A 252 13.00 -8.80 -12.65
CA VAL A 252 13.73 -8.44 -13.85
C VAL A 252 12.71 -8.37 -14.99
N LYS A 253 13.16 -7.98 -16.17
CA LYS A 253 12.33 -8.00 -17.37
C LYS A 253 11.50 -9.28 -17.39
N PRO A 254 10.18 -9.20 -17.47
CA PRO A 254 9.36 -10.43 -17.36
C PRO A 254 9.78 -11.54 -18.33
N SER A 255 10.16 -11.22 -19.56
CA SER A 255 10.62 -12.27 -20.48
C SER A 255 11.92 -12.94 -20.03
N ASP A 256 12.64 -12.36 -19.07
CA ASP A 256 13.80 -13.00 -18.48
C ASP A 256 13.52 -13.65 -17.13
N SER A 257 12.29 -13.58 -16.64
CA SER A 257 12.02 -14.00 -15.27
C SER A 257 11.59 -15.45 -15.20
N ARG A 258 12.01 -16.14 -14.14
CA ARG A 258 11.40 -17.41 -13.80
C ARG A 258 10.05 -17.18 -13.13
N LEU A 259 9.26 -18.25 -13.04
CA LEU A 259 7.90 -18.17 -12.48
C LEU A 259 7.68 -19.44 -11.65
N LYS A 260 8.01 -19.35 -10.38
CA LYS A 260 8.19 -20.53 -9.55
C LYS A 260 6.94 -20.76 -8.72
N PHE A 261 6.34 -21.93 -8.88
CA PHE A 261 5.08 -22.28 -8.24
C PHE A 261 5.38 -23.41 -7.26
N TYR A 262 5.33 -23.11 -5.96
CA TYR A 262 5.75 -24.02 -4.90
C TYR A 262 4.59 -24.85 -4.37
N PHE A 263 4.90 -26.09 -4.02
CA PHE A 263 3.91 -27.01 -3.54
C PHE A 263 4.49 -27.83 -2.42
N GLN A 264 3.57 -28.30 -1.59
CA GLN A 264 3.82 -29.20 -0.47
C GLN A 264 3.29 -30.57 -0.85
N SER A 265 4.09 -31.61 -0.62
CA SER A 265 3.57 -32.96 -0.80
C SER A 265 3.69 -33.72 0.51
N PRO A 266 2.61 -34.32 1.01
CA PRO A 266 2.75 -35.11 2.24
C PRO A 266 3.63 -36.35 2.06
N ARG A 267 3.67 -36.94 0.88
CA ARG A 267 4.44 -38.16 0.68
C ARG A 267 5.91 -37.85 0.47
N THR A 268 6.78 -38.70 1.03
CA THR A 268 8.21 -38.59 0.83
C THR A 268 8.88 -39.86 0.33
N ASN A 269 8.13 -40.89 -0.05
CA ASN A 269 8.81 -42.06 -0.64
C ASN A 269 9.39 -41.67 -1.99
N PHE A 270 10.43 -42.41 -2.42
CA PHE A 270 11.09 -41.99 -3.65
C PHE A 270 10.23 -42.26 -4.88
N LYS A 271 9.37 -43.27 -4.83
CA LYS A 271 8.39 -43.42 -5.89
C LYS A 271 7.60 -42.12 -6.10
N SER A 272 7.22 -41.47 -5.00
CA SER A 272 6.51 -40.20 -5.11
C SER A 272 7.41 -39.11 -5.70
N VAL A 273 8.69 -39.09 -5.32
CA VAL A 273 9.64 -38.14 -5.91
C VAL A 273 9.72 -38.31 -7.42
N ARG A 274 9.87 -39.56 -7.88
CA ARG A 274 9.86 -39.87 -9.31
C ARG A 274 8.63 -39.29 -9.99
N ASN A 275 7.47 -39.56 -9.42
CA ASN A 275 6.22 -39.03 -9.96
C ASN A 275 6.26 -37.51 -10.10
N VAL A 276 6.68 -36.79 -9.04
CA VAL A 276 6.58 -35.33 -9.06
C VAL A 276 7.58 -34.72 -10.01
N MET A 277 8.83 -35.19 -9.97
CA MET A 277 9.90 -34.56 -10.72
C MET A 277 9.82 -34.83 -12.22
N THR A 278 9.21 -35.96 -12.63
CA THR A 278 8.94 -36.24 -14.03
C THR A 278 7.57 -35.75 -14.46
N LEU A 279 6.83 -35.09 -13.58
CA LEU A 279 5.44 -34.69 -13.83
C LEU A 279 4.61 -35.84 -14.38
N GLY A 280 4.62 -36.96 -13.63
CA GLY A 280 3.81 -38.10 -13.97
C GLY A 280 4.27 -38.83 -15.21
N GLY A 281 5.56 -38.79 -15.50
CA GLY A 281 6.13 -39.33 -16.71
C GLY A 281 6.11 -38.40 -17.90
N ARG A 282 5.56 -37.18 -17.78
CA ARG A 282 5.50 -36.29 -18.94
C ARG A 282 6.88 -35.72 -19.29
N VAL A 283 7.78 -35.60 -18.31
CA VAL A 283 9.09 -35.01 -18.52
C VAL A 283 10.17 -35.96 -18.00
N PRO A 284 10.66 -36.90 -18.81
CA PRO A 284 11.59 -37.92 -18.29
C PRO A 284 12.90 -37.34 -17.81
N ILE A 285 13.48 -38.05 -16.83
CA ILE A 285 14.79 -37.74 -16.24
C ILE A 285 15.63 -39.01 -16.28
N ALA A 286 16.88 -38.88 -16.73
CA ALA A 286 17.78 -40.03 -16.78
C ALA A 286 17.86 -40.73 -15.44
N GLU A 287 17.86 -42.06 -15.46
CA GLU A 287 17.82 -42.82 -14.22
C GLU A 287 19.07 -42.60 -13.38
N THR A 288 20.23 -42.34 -14.00
CA THR A 288 21.41 -42.07 -13.18
C THR A 288 21.27 -40.77 -12.41
N GLN A 289 20.57 -39.77 -12.97
CA GLN A 289 20.33 -38.55 -12.22
C GLN A 289 19.34 -38.79 -11.08
N LEU A 290 18.29 -39.55 -11.32
CA LEU A 290 17.33 -39.85 -10.27
C LEU A 290 17.99 -40.62 -9.13
N GLN A 291 18.77 -41.66 -9.46
CA GLN A 291 19.48 -42.45 -8.45
C GLN A 291 20.51 -41.60 -7.72
N ASP A 292 21.11 -40.61 -8.38
CA ASP A 292 22.01 -39.70 -7.66
C ASP A 292 21.24 -38.84 -6.66
N LEU A 293 20.07 -38.33 -7.05
CA LEU A 293 19.24 -37.60 -6.09
C LEU A 293 18.90 -38.48 -4.89
N ARG A 294 18.45 -39.72 -5.17
CA ARG A 294 18.02 -40.62 -4.10
C ARG A 294 19.17 -40.92 -3.15
N SER A 295 20.37 -41.09 -3.69
CA SER A 295 21.54 -41.22 -2.84
C SER A 295 21.72 -40.00 -1.93
N LEU A 296 21.59 -38.78 -2.50
CA LEU A 296 21.72 -37.59 -1.66
C LEU A 296 20.62 -37.52 -0.61
N LEU A 297 19.37 -37.88 -0.97
CA LEU A 297 18.29 -37.84 0.01
C LEU A 297 18.56 -38.79 1.17
N ASN A 298 19.05 -40.00 0.89
CA ASN A 298 19.29 -40.97 1.94
C ASN A 298 20.51 -40.61 2.77
N ALA A 299 21.57 -40.10 2.14
CA ALA A 299 22.74 -39.67 2.89
C ALA A 299 22.43 -38.49 3.79
N SER A 300 21.60 -37.55 3.30
CA SER A 300 21.27 -36.34 4.08
C SER A 300 20.44 -36.67 5.32
N SER A 301 19.49 -37.60 5.22
CA SER A 301 18.66 -37.93 6.37
C SER A 301 19.20 -39.09 7.20
N GLY A 302 20.42 -39.54 6.92
CA GLY A 302 21.00 -40.61 7.73
C GLY A 302 20.31 -41.95 7.56
N LEU A 303 19.80 -42.23 6.37
CA LEU A 303 19.15 -43.50 6.11
C LEU A 303 20.09 -44.44 5.36
N PRO A 304 19.81 -45.74 5.37
CA PRO A 304 20.61 -46.65 4.55
C PRO A 304 20.53 -46.28 3.06
N ASP A 305 21.66 -46.46 2.37
CA ASP A 305 21.75 -46.06 0.96
C ASP A 305 20.73 -46.80 0.09
N ASP A 306 20.26 -47.97 0.52
CA ASP A 306 19.28 -48.74 -0.21
C ASP A 306 17.90 -48.64 0.39
N TYR A 307 17.63 -47.58 1.14
CA TYR A 307 16.28 -47.35 1.65
C TYR A 307 15.27 -47.58 0.54
N ALA A 308 14.18 -48.28 0.87
CA ALA A 308 13.26 -48.72 -0.17
C ALA A 308 12.58 -47.52 -0.84
N GLU A 309 12.40 -47.62 -2.15
CA GLU A 309 11.77 -46.53 -2.91
C GLU A 309 10.28 -46.38 -2.60
N ASP A 310 9.66 -47.38 -1.98
CA ASP A 310 8.24 -47.30 -1.68
C ASP A 310 7.94 -46.85 -0.25
N LEU A 311 8.95 -46.55 0.57
CA LEU A 311 8.76 -46.21 1.98
C LEU A 311 8.88 -44.71 2.19
N ASP A 312 7.93 -44.13 2.93
CA ASP A 312 8.07 -42.74 3.34
C ASP A 312 9.31 -42.61 4.22
N LEU A 313 9.95 -41.44 4.15
CA LEU A 313 11.04 -41.14 5.06
C LEU A 313 10.49 -41.08 6.49
N PRO A 314 11.29 -41.49 7.50
CA PRO A 314 10.82 -41.41 8.89
C PRO A 314 11.11 -40.06 9.52
N LEU A 315 10.12 -39.50 10.22
CA LEU A 315 10.30 -38.20 10.86
C LEU A 315 11.38 -38.27 11.94
N ALA A 316 12.15 -37.22 12.08
CA ALA A 316 13.08 -37.19 13.16
C ALA A 316 12.21 -37.08 14.36
N GLU A 317 12.65 -37.59 15.49
CA GLU A 317 11.86 -37.43 16.69
C GLU A 317 12.68 -37.03 17.90
N HIS A 318 13.85 -37.62 18.05
CA HIS A 318 14.69 -37.30 19.18
C HIS A 318 15.19 -35.88 19.00
N PHE A 319 14.29 -34.93 18.79
CA PHE A 319 14.71 -33.56 18.50
C PHE A 319 13.61 -32.59 18.82
N SER A 320 12.45 -33.12 19.19
CA SER A 320 11.32 -32.27 19.56
C SER A 320 11.23 -31.00 18.67
N PRO A 321 10.97 -31.16 17.38
CA PRO A 321 10.81 -29.99 16.51
C PRO A 321 9.38 -29.48 16.55
N PRO A 322 9.13 -28.27 16.02
CA PRO A 322 7.75 -27.71 16.04
C PRO A 322 6.92 -28.13 14.82
N ILE A 323 6.67 -29.44 14.70
CA ILE A 323 5.90 -29.97 13.58
C ILE A 323 4.43 -29.53 13.68
N MET A 324 3.84 -29.56 14.87
CA MET A 324 2.46 -29.14 15.03
C MET A 324 2.28 -27.63 14.86
N ASP A 325 3.35 -26.86 14.72
CA ASP A 325 3.26 -25.42 14.50
C ASP A 325 3.43 -25.01 13.04
N ALA A 326 3.71 -25.95 12.15
CA ALA A 326 3.88 -25.63 10.74
C ALA A 326 2.58 -25.85 9.97
N ARG A 327 2.49 -25.21 8.80
CA ARG A 327 1.34 -25.35 7.93
C ARG A 327 1.81 -25.03 6.51
N GLU A 328 0.85 -24.75 5.61
CA GLU A 328 1.21 -24.34 4.25
C GLU A 328 1.88 -22.96 4.26
N GLU A 329 1.43 -22.05 5.16
CA GLU A 329 2.02 -20.72 5.29
C GLU A 329 3.36 -20.75 6.03
N LYS A 330 3.68 -21.84 6.70
CA LYS A 330 4.89 -21.97 7.51
C LYS A 330 5.55 -23.33 7.21
N THR A 331 5.97 -23.52 5.94
CA THR A 331 6.37 -24.87 5.49
C THR A 331 7.69 -25.40 6.15
N LEU A 332 8.32 -24.70 7.09
CA LEU A 332 9.63 -25.11 7.57
C LEU A 332 9.61 -26.51 8.15
N VAL A 333 8.59 -26.85 8.96
CA VAL A 333 8.58 -28.09 9.73
C VAL A 333 7.31 -28.91 9.54
N LEU A 334 6.89 -29.14 8.29
CA LEU A 334 5.82 -30.11 8.20
C LEU A 334 6.28 -31.34 7.43
N PRO A 335 5.75 -32.53 7.79
CA PRO A 335 6.06 -33.76 7.03
C PRO A 335 5.78 -33.61 5.54
N GLY A 336 6.64 -34.21 4.74
CA GLY A 336 6.55 -34.11 3.29
C GLY A 336 7.74 -33.41 2.66
N PHE A 337 7.73 -33.38 1.33
CA PHE A 337 8.69 -32.63 0.53
C PHE A 337 8.10 -31.30 0.11
N GLY A 338 8.96 -30.29 -0.04
CA GLY A 338 8.60 -29.12 -0.80
C GLY A 338 9.05 -29.29 -2.25
N TYR A 339 8.32 -28.67 -3.17
CA TYR A 339 8.76 -28.59 -4.55
C TYR A 339 8.45 -27.21 -5.10
N TYR A 340 9.18 -26.81 -6.15
CA TYR A 340 8.63 -25.80 -7.03
C TYR A 340 8.66 -26.28 -8.47
N PHE A 341 7.71 -25.76 -9.26
CA PHE A 341 7.68 -25.91 -10.71
C PHE A 341 7.87 -24.55 -11.34
N ASP A 342 8.94 -24.39 -12.12
CA ASP A 342 9.19 -23.15 -12.87
C ASP A 342 8.46 -23.25 -14.20
N ILE A 343 7.40 -22.44 -14.35
CA ILE A 343 6.55 -22.57 -15.54
C ILE A 343 6.56 -21.30 -16.37
N ALA A 344 7.67 -20.55 -16.36
CA ALA A 344 7.77 -19.28 -17.10
C ALA A 344 7.37 -19.44 -18.56
N PRO A 345 6.81 -18.39 -19.17
CA PRO A 345 6.48 -18.45 -20.61
C PRO A 345 7.69 -18.80 -21.47
N GLY A 346 7.44 -19.55 -22.54
CA GLY A 346 8.49 -19.97 -23.44
C GLY A 346 9.23 -21.21 -23.00
N ARG A 347 8.97 -21.70 -21.78
CA ARG A 347 9.52 -22.95 -21.32
C ARG A 347 8.78 -24.09 -21.97
N GLU A 348 9.54 -25.06 -22.51
CA GLU A 348 8.94 -26.27 -23.06
C GLU A 348 8.39 -27.17 -21.96
N TYR A 349 9.03 -27.19 -20.79
CA TYR A 349 8.63 -28.09 -19.73
C TYR A 349 8.98 -27.41 -18.42
N PRO A 350 8.29 -27.74 -17.33
CA PRO A 350 8.64 -27.12 -16.05
C PRO A 350 10.01 -27.61 -15.58
N GLU A 351 10.80 -26.69 -15.05
CA GLU A 351 11.96 -27.08 -14.24
C GLU A 351 11.49 -27.34 -12.81
N VAL A 352 11.95 -28.45 -12.23
CA VAL A 352 11.47 -28.87 -10.92
C VAL A 352 12.63 -28.84 -9.93
N LYS A 353 12.39 -28.25 -8.76
CA LYS A 353 13.33 -28.31 -7.65
C LYS A 353 12.66 -28.97 -6.47
N ILE A 354 13.33 -29.94 -5.85
CA ILE A 354 12.83 -30.63 -4.65
C ILE A 354 13.59 -30.09 -3.45
N PHE A 355 12.88 -29.93 -2.33
CA PHE A 355 13.42 -29.42 -1.07
C PHE A 355 13.21 -30.49 0.00
N LEU A 356 14.30 -31.05 0.51
CA LEU A 356 14.25 -31.94 1.66
C LEU A 356 14.27 -31.09 2.93
N ARG A 357 13.30 -31.27 3.80
CA ARG A 357 13.16 -30.47 5.02
C ARG A 357 14.02 -31.04 6.15
N LEU A 358 15.18 -30.43 6.37
CA LEU A 358 16.16 -30.93 7.32
C LEU A 358 15.81 -30.55 8.75
N THR A 359 14.67 -29.90 8.95
CA THR A 359 14.15 -29.71 10.28
C THR A 359 13.26 -30.88 10.66
N ALA A 360 12.64 -31.50 9.68
CA ALA A 360 11.72 -32.60 9.93
C ALA A 360 12.37 -33.96 9.74
N TYR A 361 13.44 -34.06 8.96
CA TYR A 361 14.07 -35.32 8.65
C TYR A 361 15.56 -35.22 8.92
N GLY A 362 16.21 -36.37 9.03
CA GLY A 362 17.62 -36.42 9.32
C GLY A 362 17.94 -36.24 10.80
N GLN A 363 19.25 -36.27 11.09
CA GLN A 363 19.73 -36.17 12.46
C GLN A 363 20.24 -34.76 12.77
N ASP A 364 21.25 -34.67 13.64
CA ASP A 364 21.80 -33.40 14.03
C ASP A 364 22.46 -32.73 12.84
N ASP A 365 22.80 -31.45 13.02
CA ASP A 365 23.35 -30.65 11.94
C ASP A 365 24.69 -31.17 11.46
N THR A 366 25.51 -31.70 12.36
CA THR A 366 26.81 -32.21 11.94
C THR A 366 26.66 -33.45 11.07
N SER A 367 25.79 -34.38 11.48
CA SER A 367 25.53 -35.56 10.66
C SER A 367 24.96 -35.18 9.31
N MET A 368 24.06 -34.20 9.29
CA MET A 368 23.42 -33.81 8.04
C MET A 368 24.45 -33.16 7.12
N GLY A 369 25.24 -32.24 7.66
CA GLY A 369 26.29 -31.62 6.87
C GLY A 369 27.33 -32.61 6.38
N ARG A 370 27.61 -33.65 7.17
CA ARG A 370 28.57 -34.66 6.73
C ARG A 370 27.94 -35.60 5.71
N GLY A 371 26.65 -35.91 5.88
CA GLY A 371 25.94 -36.68 4.85
C GLY A 371 26.00 -35.99 3.49
N ILE A 372 25.67 -34.70 3.44
CA ILE A 372 25.76 -33.94 2.20
C ILE A 372 27.21 -33.89 1.72
N SER A 373 28.15 -33.78 2.67
CA SER A 373 29.57 -33.68 2.33
C SER A 373 30.08 -34.98 1.71
N ALA A 374 29.71 -36.11 2.30
CA ALA A 374 30.07 -37.40 1.72
C ALA A 374 29.55 -37.52 0.30
N TRP A 375 28.30 -37.13 0.07
CA TRP A 375 27.74 -37.18 -1.29
C TRP A 375 28.58 -36.33 -2.24
N MET A 376 28.86 -35.08 -1.86
CA MET A 376 29.67 -34.19 -2.70
C MET A 376 31.04 -34.79 -2.96
N THR A 377 31.67 -35.29 -1.90
CA THR A 377 32.98 -35.92 -2.03
C THR A 377 32.90 -37.13 -2.95
N ALA A 378 31.88 -37.97 -2.75
CA ALA A 378 31.72 -39.13 -3.61
C ALA A 378 31.50 -38.74 -5.07
N HIS A 379 30.98 -37.55 -5.35
CA HIS A 379 30.75 -37.14 -6.73
C HIS A 379 31.80 -36.16 -7.23
N GLY A 380 32.93 -36.08 -6.53
CA GLY A 380 34.01 -35.23 -7.00
C GLY A 380 33.75 -33.75 -6.85
N ARG A 381 32.94 -33.37 -5.88
CA ARG A 381 32.63 -31.98 -5.65
C ARG A 381 33.02 -31.63 -4.23
N GLY A 382 33.88 -32.45 -3.63
CA GLY A 382 34.29 -32.25 -2.26
C GLY A 382 35.12 -31.02 -2.02
N GLU A 383 35.58 -30.41 -3.11
CA GLU A 383 36.50 -29.26 -2.98
C GLU A 383 36.34 -28.43 -1.71
N TYR A 384 35.13 -27.98 -1.44
CA TYR A 384 34.88 -27.10 -0.27
C TYR A 384 34.18 -27.62 0.97
N CYS A 385 34.00 -28.91 1.12
CA CYS A 385 33.24 -29.40 2.27
C CYS A 385 33.83 -29.07 3.67
N PRO A 386 35.14 -29.23 3.89
CA PRO A 386 35.62 -28.90 5.23
C PRO A 386 35.39 -27.43 5.58
N ARG A 387 35.56 -26.52 4.61
CA ARG A 387 35.25 -25.11 4.85
C ARG A 387 33.77 -24.88 5.15
N TYR A 388 32.88 -25.66 4.52
CA TYR A 388 31.45 -25.51 4.77
C TYR A 388 31.07 -26.00 6.16
N MET A 389 31.57 -27.19 6.53
CA MET A 389 31.40 -27.67 7.91
C MET A 389 31.88 -26.64 8.93
N SER A 390 33.04 -26.03 8.68
CA SER A 390 33.57 -25.02 9.61
C SER A 390 32.66 -23.80 9.67
N ALA A 391 32.26 -23.28 8.51
CA ALA A 391 31.39 -22.10 8.49
C ALA A 391 30.09 -22.38 9.23
N LEU A 392 29.53 -23.59 9.09
CA LEU A 392 28.34 -23.95 9.83
C LEU A 392 28.47 -23.68 11.33
N GLU A 393 29.65 -23.95 11.90
CA GLU A 393 29.82 -23.79 13.34
C GLU A 393 29.72 -22.34 13.77
N THR A 394 30.10 -21.39 12.90
CA THR A 394 29.96 -19.98 13.23
C THR A 394 28.52 -19.48 13.14
N LEU A 395 27.56 -20.34 12.88
CA LEU A 395 26.18 -19.94 12.68
C LEU A 395 25.29 -20.22 13.87
N VAL A 396 25.64 -21.17 14.71
CA VAL A 396 24.87 -21.50 15.89
C VAL A 396 25.57 -20.92 17.12
N HIS A 397 24.81 -20.23 17.94
CA HIS A 397 25.26 -19.70 19.21
C HIS A 397 24.55 -20.49 20.30
N GLY A 398 25.28 -20.83 21.36
CA GLY A 398 24.66 -21.48 22.48
C GLY A 398 24.56 -22.98 22.42
N ARG A 399 25.29 -23.63 21.51
CA ARG A 399 25.39 -25.09 21.46
C ARG A 399 26.45 -25.47 20.43
N HIS A 400 26.82 -26.74 20.43
CA HIS A 400 27.69 -27.26 19.38
C HIS A 400 26.83 -27.77 18.23
N LEU A 401 27.42 -27.74 17.03
CA LEU A 401 26.69 -28.10 15.82
C LEU A 401 26.17 -29.53 15.84
N SER A 402 26.76 -30.40 16.67
CA SER A 402 26.42 -31.82 16.69
C SER A 402 25.37 -32.17 17.72
N GLU A 403 24.88 -31.21 18.48
CA GLU A 403 23.99 -31.49 19.59
C GLU A 403 22.52 -31.39 19.22
N GLY A 404 22.20 -30.90 18.02
CA GLY A 404 20.80 -30.85 17.63
C GLY A 404 20.63 -30.25 16.26
N LYS A 405 19.39 -29.87 15.99
CA LYS A 405 19.07 -29.29 14.71
C LYS A 405 18.80 -27.83 14.89
N GLY A 406 18.98 -27.06 13.84
CA GLY A 406 18.70 -25.64 13.90
C GLY A 406 19.37 -24.76 12.90
N VAL A 407 20.46 -25.22 12.31
CA VAL A 407 21.13 -24.42 11.30
C VAL A 407 20.60 -24.80 9.94
N HIS A 408 20.66 -26.08 9.59
CA HIS A 408 20.10 -26.54 8.32
C HIS A 408 18.58 -26.41 8.31
N THR A 409 18.02 -25.85 7.25
CA THR A 409 16.56 -25.95 7.07
C THR A 409 16.16 -26.83 5.89
N HIS A 410 16.94 -26.83 4.82
CA HIS A 410 16.61 -27.60 3.62
C HIS A 410 17.89 -27.91 2.89
N VAL A 411 17.85 -28.99 2.12
CA VAL A 411 18.78 -29.18 1.01
C VAL A 411 17.93 -29.44 -0.22
N SER A 412 18.29 -28.82 -1.33
CA SER A 412 17.49 -28.86 -2.54
C SER A 412 18.30 -29.39 -3.72
N CYS A 413 17.57 -29.91 -4.71
CA CYS A 413 18.18 -30.43 -5.94
C CYS A 413 17.31 -30.09 -7.12
N LEU A 414 17.94 -29.63 -8.19
CA LEU A 414 17.27 -29.39 -9.44
C LEU A 414 18.18 -29.94 -10.54
N PHE A 415 17.59 -30.68 -11.49
CA PHE A 415 18.37 -31.27 -12.58
C PHE A 415 18.56 -30.24 -13.69
N LYS A 416 19.81 -29.83 -13.92
CA LYS A 416 20.07 -28.81 -14.93
C LYS A 416 19.98 -29.42 -16.33
N LYS A 417 19.89 -28.54 -17.33
CA LYS A 417 19.66 -28.97 -18.71
C LYS A 417 20.81 -29.84 -19.24
N ASP A 418 21.98 -29.78 -18.62
CA ASP A 418 23.10 -30.65 -18.95
C ASP A 418 23.26 -31.82 -17.97
N GLY A 419 22.18 -32.33 -17.39
CA GLY A 419 22.31 -33.46 -16.51
C GLY A 419 22.91 -33.16 -15.14
N THR A 420 23.52 -31.99 -15.02
CA THR A 420 24.13 -31.52 -13.77
C THR A 420 23.09 -31.39 -12.66
N LEU A 421 23.47 -31.83 -11.44
CA LEU A 421 22.62 -31.69 -10.27
C LEU A 421 23.01 -30.42 -9.51
N ASP A 422 22.11 -29.43 -9.53
CA ASP A 422 22.27 -28.19 -8.80
C ASP A 422 21.76 -28.40 -7.38
N ILE A 423 22.64 -28.28 -6.39
CA ILE A 423 22.36 -28.63 -5.01
C ILE A 423 22.58 -27.40 -4.14
N THR A 424 21.66 -27.17 -3.22
CA THR A 424 21.72 -25.99 -2.35
C THR A 424 21.42 -26.37 -0.91
N SER A 425 22.24 -25.89 0.01
CA SER A 425 21.97 -25.97 1.43
C SER A 425 21.40 -24.63 1.89
N TYR A 426 20.24 -24.68 2.56
CA TYR A 426 19.61 -23.50 3.12
C TYR A 426 19.85 -23.47 4.61
N LEU A 427 20.45 -22.38 5.09
CA LEU A 427 20.97 -22.28 6.44
C LEU A 427 20.38 -21.06 7.13
N VAL A 428 20.34 -21.15 8.46
CA VAL A 428 19.65 -20.17 9.27
C VAL A 428 20.51 -19.89 10.50
N PRO A 429 20.62 -18.63 10.94
CA PRO A 429 21.31 -18.37 12.20
C PRO A 429 20.50 -18.93 13.35
N GLU A 430 21.19 -19.52 14.34
CA GLU A 430 20.55 -19.92 15.58
C GLU A 430 21.17 -19.10 16.71
N ILE A 431 20.33 -18.34 17.42
CA ILE A 431 20.80 -17.39 18.42
C ILE A 431 20.56 -17.87 19.84
N SER A 432 19.48 -18.62 20.10
CA SER A 432 19.01 -18.81 21.46
C SER A 432 20.05 -19.50 22.33
N SER A 433 20.27 -18.95 23.52
CA SER A 433 21.14 -19.61 24.49
C SER A 433 20.55 -20.92 24.99
N GLN A 434 19.24 -21.12 24.83
CA GLN A 434 18.54 -22.34 25.25
C GLN A 434 17.94 -22.98 24.00
N PRO A 435 18.75 -23.73 23.24
CA PRO A 435 18.28 -24.27 21.94
C PRO A 435 17.05 -25.14 22.07
N GLN A 436 16.20 -25.08 21.06
CA GLN A 436 14.87 -25.68 21.09
C GLN A 436 14.78 -27.01 20.35
N MET A 437 15.90 -27.52 19.79
CA MET A 437 15.92 -28.81 19.09
C MET A 437 17.23 -29.52 19.45
N LEU A 438 17.18 -30.34 20.49
CA LEU A 438 18.36 -31.13 20.87
C LEU A 438 17.99 -32.59 21.13
N LEU B 14 -4.71 38.35 16.88
CA LEU B 14 -4.25 36.99 16.57
C LEU B 14 -3.36 36.48 17.69
N LYS B 15 -3.96 36.37 18.88
CA LYS B 15 -3.21 36.05 20.09
C LYS B 15 -2.72 34.60 20.08
N ALA B 16 -3.61 33.66 19.73
CA ALA B 16 -3.22 32.25 19.75
C ALA B 16 -2.16 31.94 18.69
N TRP B 17 -2.29 32.54 17.52
CA TRP B 17 -1.27 32.36 16.50
C TRP B 17 0.07 32.93 16.95
N ALA B 18 0.07 34.14 17.52
CA ALA B 18 1.32 34.78 17.92
C ALA B 18 2.04 33.96 18.98
N SER B 19 1.30 33.35 19.90
CA SER B 19 1.93 32.48 20.89
C SER B 19 2.57 31.26 20.24
N LEU B 20 1.78 30.47 19.51
CA LEU B 20 2.28 29.21 18.98
C LEU B 20 3.31 29.44 17.87
N SER B 21 3.20 30.54 17.15
CA SER B 21 4.15 30.76 16.06
C SER B 21 5.58 30.95 16.58
N LEU B 22 5.73 31.40 17.83
CA LEU B 22 7.05 31.55 18.46
C LEU B 22 7.42 30.34 19.31
N LEU B 23 6.44 29.73 19.96
CA LEU B 23 6.71 28.58 20.81
C LEU B 23 7.10 27.34 20.00
N LEU B 24 6.33 26.99 18.99
CA LEU B 24 6.55 25.75 18.28
C LEU B 24 7.83 25.81 17.47
N PRO B 25 8.72 24.82 17.59
CA PRO B 25 10.03 24.92 16.93
C PRO B 25 9.94 24.89 15.40
N SER B 26 10.90 25.57 14.78
CA SER B 26 11.16 25.40 13.35
C SER B 26 11.52 23.95 13.06
N ARG B 27 11.22 23.52 11.82
CA ARG B 27 11.19 22.08 11.52
C ARG B 27 11.67 21.70 10.12
N GLY B 28 12.48 22.49 9.45
CA GLY B 28 12.74 22.19 8.06
C GLY B 28 11.87 23.06 7.17
N PRO B 29 12.37 23.38 5.98
CA PRO B 29 11.77 24.48 5.20
C PRO B 29 10.42 24.17 4.57
N ASP B 30 10.08 22.89 4.33
CA ASP B 30 8.76 22.62 3.76
C ASP B 30 7.66 22.76 4.82
N CYS B 31 7.86 22.15 5.99
CA CYS B 31 6.95 22.33 7.12
C CYS B 31 6.83 23.79 7.52
N ASP B 32 7.95 24.49 7.68
CA ASP B 32 7.90 25.90 8.09
C ASP B 32 7.13 26.72 7.08
N TYR B 33 7.35 26.48 5.79
CA TYR B 33 6.61 27.22 4.77
C TYR B 33 5.10 27.05 4.96
N TRP B 34 4.60 25.80 4.98
CA TRP B 34 3.16 25.59 5.04
C TRP B 34 2.59 26.01 6.39
N TRP B 35 3.35 25.85 7.47
CA TRP B 35 2.87 26.26 8.78
C TRP B 35 2.67 27.76 8.84
N LYS B 36 3.70 28.52 8.42
CA LYS B 36 3.58 29.98 8.49
C LYS B 36 2.51 30.50 7.53
N LEU B 37 2.40 29.91 6.35
CA LEU B 37 1.40 30.40 5.40
C LEU B 37 -0.01 30.01 5.82
N THR B 38 -0.25 28.71 6.06
CA THR B 38 -1.63 28.27 6.24
C THR B 38 -2.05 28.23 7.71
N GLY B 39 -1.11 28.08 8.65
CA GLY B 39 -1.45 28.23 10.05
C GLY B 39 -1.98 29.62 10.35
N ARG B 40 -1.37 30.63 9.74
CA ARG B 40 -1.85 31.99 9.92
C ARG B 40 -3.21 32.20 9.27
N HIS B 41 -3.40 31.67 8.05
CA HIS B 41 -4.73 31.73 7.41
C HIS B 41 -5.79 31.12 8.31
N LEU B 42 -5.52 29.95 8.87
CA LEU B 42 -6.53 29.31 9.70
C LEU B 42 -6.83 30.15 10.92
N ALA B 43 -5.79 30.78 11.48
CA ALA B 43 -5.97 31.61 12.66
C ALA B 43 -6.83 32.82 12.34
N SER B 44 -6.61 33.45 11.17
CA SER B 44 -7.46 34.58 10.80
C SER B 44 -8.92 34.15 10.65
N LEU B 45 -9.15 32.98 10.04
CA LEU B 45 -10.50 32.49 9.84
C LEU B 45 -11.17 32.19 11.18
N MET B 46 -10.46 31.50 12.06
CA MET B 46 -11.00 31.12 13.35
C MET B 46 -11.29 32.34 14.22
N GLU B 47 -10.38 33.33 14.16
CA GLU B 47 -10.60 34.59 14.86
C GLU B 47 -11.82 35.33 14.30
N ALA B 48 -11.93 35.40 12.96
CA ALA B 48 -13.10 36.03 12.37
C ALA B 48 -14.38 35.30 12.77
N ALA B 49 -14.30 34.00 12.99
CA ALA B 49 -15.46 33.23 13.38
C ALA B 49 -15.75 33.31 14.88
N GLY B 50 -14.90 34.02 15.64
CA GLY B 50 -15.10 34.11 17.07
C GLY B 50 -14.75 32.85 17.83
N TYR B 51 -13.85 32.03 17.30
CA TYR B 51 -13.40 30.85 18.04
C TYR B 51 -12.73 31.26 19.35
N ALA B 52 -13.16 30.66 20.45
CA ALA B 52 -12.48 30.88 21.73
C ALA B 52 -11.02 30.50 21.61
N THR B 53 -10.19 31.12 22.46
CA THR B 53 -8.75 30.98 22.35
C THR B 53 -8.29 29.53 22.49
N GLU B 54 -8.93 28.76 23.38
CA GLU B 54 -8.52 27.37 23.56
C GLU B 54 -8.80 26.55 22.31
N ARG B 55 -9.96 26.79 21.68
CA ARG B 55 -10.28 26.10 20.44
C ARG B 55 -9.24 26.39 19.37
N GLN B 56 -8.85 27.67 19.23
CA GLN B 56 -7.79 28.02 18.29
C GLN B 56 -6.48 27.29 18.60
N TYR B 57 -6.14 27.11 19.88
CA TYR B 57 -4.91 26.40 20.24
C TYR B 57 -4.99 24.94 19.81
N GLU B 58 -6.12 24.29 20.12
CA GLU B 58 -6.32 22.91 19.72
C GLU B 58 -6.13 22.75 18.21
N ALA B 59 -6.78 23.60 17.43
CA ALA B 59 -6.74 23.45 15.99
C ALA B 59 -5.34 23.71 15.45
N LEU B 60 -4.70 24.79 15.90
CA LEU B 60 -3.37 25.13 15.39
C LEU B 60 -2.37 24.05 15.77
N VAL B 61 -2.49 23.49 16.97
CA VAL B 61 -1.62 22.39 17.37
C VAL B 61 -1.88 21.17 16.47
N PHE B 62 -3.17 20.86 16.24
CA PHE B 62 -3.52 19.81 15.30
C PHE B 62 -2.90 20.08 13.93
N HIS B 63 -3.09 21.29 13.40
CA HIS B 63 -2.56 21.62 12.09
C HIS B 63 -1.06 21.40 12.01
N TYR B 64 -0.32 21.95 12.98
CA TYR B 64 1.13 21.87 12.98
C TYR B 64 1.62 20.43 12.98
N HIS B 65 1.01 19.59 13.81
CA HIS B 65 1.55 18.24 14.01
C HIS B 65 1.01 17.21 13.05
N TRP B 66 -0.23 17.33 12.57
CA TRP B 66 -0.82 16.26 11.78
C TRP B 66 -1.04 16.62 10.31
N MET B 67 -1.27 17.89 9.98
CA MET B 67 -1.57 18.22 8.60
C MET B 67 -0.39 18.83 7.87
N VAL B 68 0.29 19.81 8.48
CA VAL B 68 1.45 20.43 7.84
C VAL B 68 2.49 19.41 7.37
N PRO B 69 2.89 18.40 8.17
CA PRO B 69 3.97 17.50 7.69
C PRO B 69 3.58 16.67 6.48
N TYR B 70 2.29 16.57 6.19
CA TYR B 70 1.80 15.86 5.01
C TYR B 70 1.44 16.80 3.86
N MET B 71 1.71 18.11 3.95
CA MET B 71 1.37 18.95 2.81
C MET B 71 2.46 19.09 1.77
N GLY B 72 3.55 18.35 1.90
CA GLY B 72 4.46 18.18 0.78
C GLY B 72 5.43 19.32 0.68
N PRO B 73 6.18 19.37 -0.41
CA PRO B 73 7.20 20.41 -0.56
C PRO B 73 6.59 21.79 -0.74
N ALA B 74 7.36 22.80 -0.38
CA ALA B 74 6.98 24.16 -0.68
C ALA B 74 6.96 24.35 -2.20
N PRO B 75 6.18 25.29 -2.71
CA PRO B 75 6.27 25.61 -4.12
C PRO B 75 7.65 26.19 -4.44
N GLU B 76 8.11 25.97 -5.67
CA GLU B 76 9.35 26.61 -6.08
C GLU B 76 9.12 28.12 -6.13
N ALA B 77 10.21 28.86 -6.34
CA ALA B 77 10.13 30.32 -6.35
C ALA B 77 9.03 30.80 -7.28
N ASP B 78 8.90 30.18 -8.45
CA ASP B 78 7.89 30.57 -9.43
C ASP B 78 6.50 30.00 -9.14
N GLY B 79 6.28 29.38 -7.99
CA GLY B 79 4.97 28.83 -7.65
C GLY B 79 4.74 27.39 -8.07
N LYS B 80 5.71 26.74 -8.69
CA LYS B 80 5.49 25.45 -9.32
C LYS B 80 5.57 24.32 -8.30
N LEU B 81 4.73 23.29 -8.49
CA LEU B 81 4.79 22.08 -7.69
C LEU B 81 4.89 20.86 -8.61
N GLU B 82 5.60 19.83 -8.13
CA GLU B 82 5.76 18.62 -8.91
C GLU B 82 4.41 17.92 -9.12
N TRP B 83 3.64 17.78 -8.05
CA TRP B 83 2.33 17.15 -8.00
C TRP B 83 1.27 18.21 -7.68
N PRO B 84 0.89 19.06 -8.63
CA PRO B 84 -0.07 20.13 -8.31
C PRO B 84 -1.46 19.57 -8.07
N CYS B 85 -2.20 20.25 -7.26
CA CYS B 85 -3.52 19.84 -6.84
C CYS B 85 -4.55 20.64 -7.61
N PRO B 86 -5.60 20.01 -8.15
CA PRO B 86 -6.64 20.78 -8.86
C PRO B 86 -7.61 21.55 -7.95
N LEU B 87 -7.25 21.72 -6.67
CA LEU B 87 -8.05 22.57 -5.75
C LEU B 87 -7.85 24.05 -6.03
N THR B 88 -6.65 24.44 -6.46
CA THR B 88 -6.29 25.84 -6.61
C THR B 88 -5.97 26.08 -8.08
N VAL B 89 -6.08 27.35 -8.50
CA VAL B 89 -5.56 27.73 -9.81
C VAL B 89 -4.06 27.51 -9.84
N GLU B 90 -3.43 27.65 -8.68
CA GLU B 90 -2.00 27.53 -8.54
C GLU B 90 -1.59 26.14 -8.08
N GLY B 91 -2.54 25.24 -7.88
CA GLY B 91 -2.19 23.87 -7.54
C GLY B 91 -1.83 23.62 -6.09
N LEU B 92 -2.12 24.55 -5.18
CA LEU B 92 -1.73 24.36 -3.79
C LEU B 92 -2.59 23.27 -3.14
N PRO B 93 -2.01 22.47 -2.26
CA PRO B 93 -2.76 21.33 -1.70
C PRO B 93 -3.64 21.66 -0.49
N ILE B 94 -4.39 22.76 -0.54
CA ILE B 94 -5.18 23.19 0.63
C ILE B 94 -6.37 24.01 0.15
N GLU B 95 -7.55 23.75 0.71
CA GLU B 95 -8.63 24.72 0.54
C GLU B 95 -9.36 24.81 1.85
N TYR B 96 -9.75 26.02 2.21
CA TYR B 96 -10.51 26.27 3.42
C TYR B 96 -11.97 26.42 3.07
N SER B 97 -12.81 26.17 4.05
CA SER B 97 -14.23 26.44 3.89
C SER B 97 -14.74 27.12 5.16
N TRP B 98 -15.70 28.01 4.96
CA TRP B 98 -16.31 28.75 6.03
C TRP B 98 -17.80 28.41 5.97
N LYS B 99 -18.26 27.57 6.88
CA LYS B 99 -19.70 27.33 7.00
C LYS B 99 -20.32 28.50 7.75
N TRP B 100 -21.22 29.22 7.10
CA TRP B 100 -21.76 30.45 7.68
C TRP B 100 -22.55 30.13 8.96
N ASN B 101 -22.51 31.10 9.88
CA ASN B 101 -23.36 31.10 11.06
C ASN B 101 -24.83 30.99 10.69
N THR B 102 -25.54 30.21 11.47
CA THR B 102 -27.00 30.13 11.45
C THR B 102 -27.54 30.97 12.59
N ALA B 103 -28.85 30.90 12.82
CA ALA B 103 -29.40 31.60 13.97
C ALA B 103 -28.91 30.99 15.28
N THR B 104 -28.56 29.71 15.27
CA THR B 104 -28.16 29.00 16.47
C THR B 104 -26.66 28.79 16.62
N LYS B 105 -25.85 28.94 15.57
CA LYS B 105 -24.45 28.58 15.66
C LYS B 105 -23.54 29.60 14.96
N ARG B 106 -22.36 29.78 15.54
CA ARG B 106 -21.33 30.64 14.97
C ARG B 106 -20.73 29.95 13.74
N PRO B 107 -19.97 30.66 12.92
CA PRO B 107 -19.38 30.01 11.75
C PRO B 107 -18.45 28.86 12.14
N VAL B 108 -18.28 27.92 11.20
CA VAL B 108 -17.40 26.76 11.38
C VAL B 108 -16.31 26.84 10.32
N VAL B 109 -15.05 26.70 10.75
CA VAL B 109 -13.90 26.68 9.86
C VAL B 109 -13.53 25.23 9.58
N ARG B 110 -13.40 24.87 8.30
CA ARG B 110 -12.92 23.55 7.93
C ARG B 110 -11.82 23.73 6.91
N TYR B 111 -11.10 22.63 6.63
CA TYR B 111 -10.17 22.71 5.52
C TYR B 111 -9.81 21.32 5.02
N THR B 112 -9.38 21.29 3.76
CA THR B 112 -9.04 20.08 3.03
C THR B 112 -7.61 20.18 2.52
N ILE B 113 -6.81 19.13 2.73
CA ILE B 113 -5.49 19.03 2.13
C ILE B 113 -5.44 17.79 1.24
N GLU B 114 -4.37 17.70 0.43
CA GLU B 114 -3.89 16.44 -0.12
C GLU B 114 -2.61 16.03 0.61
N ALA B 115 -2.62 14.85 1.21
CA ALA B 115 -1.45 14.29 1.88
C ALA B 115 -0.40 13.86 0.86
N LYS B 116 0.86 14.26 1.08
CA LYS B 116 1.95 14.00 0.16
C LYS B 116 3.18 13.54 0.95
N ASN B 117 4.05 12.76 0.30
CA ASN B 117 5.36 12.44 0.87
C ASN B 117 6.36 12.36 -0.29
N ARG B 118 7.58 11.89 0.00
CA ARG B 118 8.64 11.91 -1.00
C ARG B 118 8.38 10.96 -2.17
N PHE B 119 7.50 9.97 -2.02
CA PHE B 119 7.23 9.06 -3.13
C PHE B 119 5.98 9.43 -3.91
N THR B 120 5.34 10.54 -3.55
CA THR B 120 4.13 11.01 -4.23
C THR B 120 4.32 11.01 -5.74
N GLY B 121 3.45 10.28 -6.44
CA GLY B 121 3.45 10.26 -7.88
C GLY B 121 4.50 9.40 -8.57
N SER B 122 5.47 8.86 -7.85
CA SER B 122 6.46 7.94 -8.38
C SER B 122 5.79 6.61 -8.79
N SER B 123 6.61 5.66 -9.29
CA SER B 123 6.03 4.38 -9.73
C SER B 123 5.61 3.51 -8.57
N MET B 124 6.12 3.76 -7.36
CA MET B 124 5.63 3.07 -6.19
C MET B 124 4.20 3.52 -5.82
N ASP B 125 3.85 4.78 -6.09
CA ASP B 125 2.57 5.34 -5.63
C ASP B 125 2.08 6.33 -6.67
N PRO B 126 1.73 5.84 -7.87
CA PRO B 126 1.47 6.77 -8.99
C PRO B 126 0.20 7.61 -8.84
N LEU B 127 -0.76 7.22 -8.00
CA LEU B 127 -1.95 8.01 -7.72
C LEU B 127 -1.87 8.76 -6.39
N ASN B 128 -0.75 8.65 -5.68
CA ASN B 128 -0.50 9.36 -4.42
C ASN B 128 -1.56 9.06 -3.36
N GLN B 129 -1.51 7.81 -2.88
CA GLN B 129 -2.50 7.33 -1.92
C GLN B 129 -1.91 6.82 -0.63
N ASP B 130 -0.62 6.45 -0.61
CA ASP B 130 0.00 6.03 0.63
C ASP B 130 0.06 7.12 1.69
N PRO B 131 0.41 8.37 1.38
CA PRO B 131 0.42 9.37 2.47
C PRO B 131 -0.94 9.49 3.13
N SER B 132 -2.03 9.43 2.34
CA SER B 132 -3.38 9.44 2.93
C SER B 132 -3.60 8.25 3.85
N ARG B 133 -3.24 7.05 3.39
CA ARG B 133 -3.42 5.87 4.25
C ARG B 133 -2.62 6.02 5.54
N GLU B 134 -1.38 6.48 5.44
CA GLU B 134 -0.55 6.62 6.63
C GLU B 134 -1.10 7.69 7.58
N LEU B 135 -1.47 8.86 7.03
CA LEU B 135 -1.99 9.92 7.90
C LEU B 135 -3.22 9.45 8.67
N LEU B 136 -4.17 8.85 7.95
CA LEU B 136 -5.43 8.47 8.59
C LEU B 136 -5.22 7.36 9.61
N HIS B 137 -4.32 6.41 9.33
CA HIS B 137 -4.10 5.30 10.26
C HIS B 137 -3.43 5.81 11.53
N ARG B 138 -2.48 6.74 11.39
CA ARG B 138 -1.85 7.33 12.57
C ARG B 138 -2.86 8.15 13.37
N LEU B 139 -3.63 9.00 12.68
CA LEU B 139 -4.67 9.77 13.34
C LEU B 139 -5.59 8.85 14.13
N GLN B 140 -6.01 7.74 13.50
CA GLN B 140 -6.90 6.79 14.16
C GLN B 140 -6.29 6.30 15.47
N MET B 141 -5.03 5.88 15.43
CA MET B 141 -4.33 5.40 16.63
C MET B 141 -4.14 6.48 17.69
N SER B 142 -4.58 7.72 17.48
CA SER B 142 -4.26 8.78 18.43
C SER B 142 -5.49 9.54 18.96
N VAL B 143 -6.44 9.76 18.08
CA VAL B 143 -7.64 10.50 18.46
C VAL B 143 -8.83 9.56 18.52
N PRO B 144 -9.77 9.84 19.44
CA PRO B 144 -10.94 8.97 19.59
C PRO B 144 -12.08 9.38 18.65
N GLY B 145 -12.37 8.54 17.67
CA GLY B 145 -13.48 8.81 16.77
C GLY B 145 -13.21 8.51 15.32
N VAL B 146 -12.01 8.08 14.99
CA VAL B 146 -11.67 7.88 13.59
C VAL B 146 -11.99 6.45 13.17
N ASP B 147 -12.78 6.29 12.11
CA ASP B 147 -13.14 4.97 11.58
C ASP B 147 -12.84 4.94 10.08
N LEU B 148 -12.20 3.87 9.61
CA LEU B 148 -11.70 3.85 8.23
C LEU B 148 -12.28 2.70 7.40
N THR B 149 -13.40 2.12 7.84
CA THR B 149 -14.08 1.07 7.09
C THR B 149 -14.37 1.51 5.66
N TRP B 150 -15.00 2.68 5.52
CA TRP B 150 -15.40 3.13 4.19
C TRP B 150 -14.19 3.59 3.38
N PHE B 151 -13.23 4.27 4.03
CA PHE B 151 -11.97 4.65 3.38
C PHE B 151 -11.29 3.44 2.75
N ASN B 152 -11.12 2.38 3.54
CA ASN B 152 -10.48 1.16 3.03
C ASN B 152 -11.29 0.51 1.92
N HIS B 153 -12.63 0.50 2.05
CA HIS B 153 -13.45 -0.12 1.02
C HIS B 153 -13.30 0.60 -0.31
N PHE B 154 -13.31 1.92 -0.29
CA PHE B 154 -13.24 2.63 -1.57
C PHE B 154 -11.83 2.68 -2.12
N LEU B 155 -10.83 2.71 -1.24
CA LEU B 155 -9.47 2.50 -1.69
C LEU B 155 -9.37 1.21 -2.51
N ALA B 156 -10.06 0.16 -2.07
CA ALA B 156 -9.94 -1.13 -2.75
C ALA B 156 -10.85 -1.29 -3.97
N THR B 157 -11.86 -0.45 -4.17
CA THR B 157 -12.83 -0.66 -5.24
C THR B 157 -12.89 0.44 -6.31
N LEU B 158 -12.45 1.67 -6.04
CA LEU B 158 -12.48 2.71 -7.06
C LEU B 158 -11.23 2.76 -7.91
N TYR B 159 -10.26 1.90 -7.64
CA TYR B 159 -8.99 1.97 -8.33
C TYR B 159 -8.59 0.56 -8.70
N ASP B 160 -7.91 0.43 -9.83
CA ASP B 160 -7.23 -0.83 -10.10
C ASP B 160 -6.15 -1.05 -9.04
N GLN B 161 -6.01 -2.28 -8.59
CA GLN B 161 -5.11 -2.57 -7.49
C GLN B 161 -3.68 -2.90 -7.92
N ASP B 162 -3.41 -3.09 -9.21
CA ASP B 162 -2.03 -3.28 -9.70
C ASP B 162 -1.44 -1.90 -10.02
N ARG B 163 -0.55 -1.43 -9.14
N ARG B 163 -0.56 -1.42 -9.15
CA ARG B 163 0.01 -0.08 -9.30
CA ARG B 163 -0.03 -0.06 -9.32
C ARG B 163 0.81 0.05 -10.59
C ARG B 163 0.86 0.06 -10.55
N SER B 164 1.42 -1.04 -11.05
CA SER B 164 2.20 -0.97 -12.29
C SER B 164 1.32 -0.75 -13.52
N LYS B 165 0.02 -1.07 -13.44
CA LYS B 165 -0.88 -0.65 -14.51
C LYS B 165 -0.91 0.88 -14.63
N TYR B 166 -0.90 1.60 -13.51
CA TYR B 166 -0.83 3.05 -13.60
C TYR B 166 0.57 3.50 -14.01
N ALA B 167 1.61 2.85 -13.48
CA ALA B 167 2.97 3.22 -13.85
C ALA B 167 3.23 2.95 -15.33
N GLN B 168 2.73 1.80 -15.86
CA GLN B 168 2.85 1.56 -17.29
C GLN B 168 2.18 2.67 -18.10
N ALA B 169 0.99 3.12 -17.68
CA ALA B 169 0.32 4.24 -18.34
C ALA B 169 1.12 5.52 -18.21
N VAL B 170 1.61 5.84 -17.00
CA VAL B 170 2.43 7.03 -16.80
C VAL B 170 3.62 7.02 -17.76
N ALA B 171 4.17 5.82 -18.00
CA ALA B 171 5.28 5.64 -18.95
C ALA B 171 4.85 5.75 -20.41
N ALA B 172 3.57 5.59 -20.70
CA ALA B 172 3.07 5.85 -22.04
C ALA B 172 2.55 7.28 -22.22
N GLY B 173 3.00 8.24 -21.40
CA GLY B 173 2.65 9.64 -21.57
C GLY B 173 1.51 10.15 -20.72
N ALA B 174 0.86 9.28 -19.95
CA ALA B 174 -0.30 9.65 -19.14
C ALA B 174 0.11 10.40 -17.88
N GLU B 175 -0.77 11.30 -17.44
CA GLU B 175 -0.44 12.22 -16.35
C GLU B 175 -1.59 12.20 -15.34
N TYR B 176 -1.35 11.58 -14.20
CA TYR B 176 -2.37 11.48 -13.17
C TYR B 176 -2.27 12.66 -12.21
N THR B 177 -3.40 12.89 -11.53
CA THR B 177 -3.48 13.95 -10.57
C THR B 177 -4.16 13.44 -9.35
N THR B 178 -4.36 14.30 -8.37
CA THR B 178 -4.97 13.93 -7.09
C THR B 178 -6.12 12.96 -7.11
N SER B 179 -6.03 11.93 -6.29
CA SER B 179 -7.07 10.94 -6.18
C SER B 179 -7.71 10.97 -4.83
N ILE B 180 -7.01 11.46 -3.83
CA ILE B 180 -7.52 11.40 -2.46
C ILE B 180 -7.22 12.72 -1.76
N MET B 181 -8.24 13.32 -1.15
CA MET B 181 -8.01 14.42 -0.23
C MET B 181 -8.66 14.15 1.11
N ILE B 182 -8.17 14.85 2.12
CA ILE B 182 -8.55 14.64 3.51
C ILE B 182 -8.96 15.98 4.09
N ALA B 183 -10.17 16.04 4.65
CA ALA B 183 -10.68 17.26 5.23
C ALA B 183 -10.75 17.10 6.74
N ALA B 184 -10.45 18.20 7.42
CA ALA B 184 -10.56 18.30 8.88
C ALA B 184 -11.62 19.34 9.17
N GLU B 185 -12.56 19.00 10.04
CA GLU B 185 -13.66 19.90 10.36
C GLU B 185 -13.52 20.31 11.82
N LEU B 186 -13.23 21.59 12.05
CA LEU B 186 -12.99 22.13 13.40
C LEU B 186 -14.31 22.49 14.06
N GLU B 187 -15.18 21.47 14.17
CA GLU B 187 -16.52 21.60 14.70
C GLU B 187 -16.49 21.73 16.23
N PRO B 188 -17.48 22.41 16.81
CA PRO B 188 -17.49 22.59 18.27
C PRO B 188 -17.57 21.29 19.05
N ASN B 189 -18.15 20.23 18.49
CA ASN B 189 -18.16 18.92 19.12
C ASN B 189 -16.81 18.22 19.03
N GLY B 190 -15.85 18.76 18.31
CA GLY B 190 -14.61 18.04 18.16
C GLY B 190 -14.35 17.68 16.72
N LEU B 191 -13.07 17.57 16.36
CA LEU B 191 -12.69 17.41 14.97
C LEU B 191 -13.16 16.07 14.41
N THR B 192 -13.65 16.12 13.17
CA THR B 192 -13.99 14.92 12.41
C THR B 192 -13.33 15.03 11.05
N THR B 193 -13.03 13.88 10.43
CA THR B 193 -12.37 13.90 9.14
C THR B 193 -13.21 13.23 8.07
N LYS B 194 -13.05 13.72 6.85
CA LYS B 194 -13.69 13.20 5.66
C LYS B 194 -12.61 12.81 4.67
N THR B 195 -12.95 11.86 3.79
CA THR B 195 -12.08 11.49 2.68
C THR B 195 -12.82 11.73 1.38
N TYR B 196 -12.14 12.34 0.44
CA TYR B 196 -12.62 12.56 -0.90
C TYR B 196 -11.89 11.60 -1.84
N PHE B 197 -12.64 10.91 -2.71
CA PHE B 197 -12.07 9.98 -3.68
C PHE B 197 -12.37 10.48 -5.08
N ILE B 198 -11.34 10.81 -5.82
CA ILE B 198 -11.52 11.10 -7.24
C ILE B 198 -11.05 9.85 -8.00
N PRO B 199 -11.98 9.07 -8.54
CA PRO B 199 -11.57 7.83 -9.20
C PRO B 199 -10.80 8.14 -10.45
N GLN B 200 -9.96 7.19 -10.80
CA GLN B 200 -9.09 7.21 -11.95
C GLN B 200 -8.85 5.76 -12.30
N LYS B 201 -8.86 5.43 -13.58
CA LYS B 201 -8.43 4.10 -13.96
C LYS B 201 -7.66 4.17 -15.28
N VAL B 202 -7.27 2.98 -15.74
CA VAL B 202 -6.34 2.84 -16.84
C VAL B 202 -7.12 2.32 -18.05
N GLY B 203 -6.47 2.35 -19.22
CA GLY B 203 -7.01 1.64 -20.39
C GLY B 203 -8.35 2.16 -20.91
N LEU B 204 -8.93 1.37 -21.82
CA LEU B 204 -10.14 1.75 -22.52
C LEU B 204 -11.39 1.01 -22.06
N SER B 205 -11.28 0.13 -21.07
CA SER B 205 -12.44 -0.59 -20.56
C SER B 205 -13.50 0.39 -20.08
N LEU B 206 -14.72 0.28 -20.63
CA LEU B 206 -15.76 1.25 -20.33
C LEU B 206 -16.17 1.20 -18.86
N SER B 207 -16.25 0.00 -18.29
CA SER B 207 -16.55 -0.11 -16.85
C SER B 207 -15.48 0.56 -16.00
N ASP B 208 -14.30 0.81 -16.56
CA ASP B 208 -13.17 1.42 -15.86
C ASP B 208 -13.12 2.95 -16.01
N LEU B 209 -14.21 3.57 -16.45
CA LEU B 209 -14.21 5.03 -16.51
C LEU B 209 -14.66 5.62 -15.17
N PRO B 210 -14.08 6.74 -14.75
CA PRO B 210 -14.53 7.39 -13.50
C PRO B 210 -16.02 7.56 -13.40
N VAL B 211 -16.71 7.66 -14.54
CA VAL B 211 -18.17 7.68 -14.54
C VAL B 211 -18.72 6.30 -14.16
N SER B 212 -18.21 5.25 -14.79
CA SER B 212 -18.75 3.92 -14.58
C SER B 212 -18.49 3.44 -13.16
N SER B 213 -17.26 3.60 -12.67
CA SER B 213 -16.90 3.07 -11.35
C SER B 213 -17.74 3.73 -10.26
N LEU B 214 -17.96 5.04 -10.36
CA LEU B 214 -18.80 5.72 -9.38
C LEU B 214 -20.26 5.30 -9.49
N MET B 215 -20.74 5.00 -10.71
CA MET B 215 -22.13 4.59 -10.91
C MET B 215 -22.40 3.24 -10.23
N ASP B 216 -21.69 2.19 -10.66
CA ASP B 216 -21.81 0.87 -10.03
C ASP B 216 -21.84 1.06 -8.52
N ALA B 217 -21.00 1.96 -8.02
CA ALA B 217 -20.95 2.26 -6.60
C ALA B 217 -22.10 3.15 -6.14
N ILE B 218 -22.64 3.98 -7.02
CA ILE B 218 -23.82 4.74 -6.65
C ILE B 218 -24.89 3.69 -6.39
N ALA B 219 -24.67 2.48 -6.92
CA ALA B 219 -25.67 1.42 -6.78
C ALA B 219 -25.12 0.17 -6.10
N GLY B 220 -23.88 0.23 -5.65
CA GLY B 220 -23.26 -0.98 -5.10
C GLY B 220 -23.45 -1.13 -3.62
N VAL B 221 -22.42 -0.87 -2.85
CA VAL B 221 -22.53 -1.01 -1.42
C VAL B 221 -23.51 -0.04 -0.80
N CYS B 222 -24.64 0.19 -1.45
CA CYS B 222 -25.64 1.03 -0.82
C CYS B 222 -26.94 0.28 -0.72
N PRO B 223 -26.89 -1.00 -0.38
CA PRO B 223 -28.12 -1.79 -0.44
C PRO B 223 -29.36 -1.30 0.30
N GLN B 224 -30.53 -1.83 -0.08
CA GLN B 224 -31.79 -1.48 0.58
C GLN B 224 -31.85 -0.07 1.13
N SER B 225 -31.73 0.90 0.25
CA SER B 225 -31.77 2.28 0.68
C SER B 225 -32.80 3.01 -0.09
N ALA B 226 -33.83 3.46 0.59
CA ALA B 226 -34.81 4.30 -0.08
C ALA B 226 -34.11 5.39 -0.89
N ALA B 227 -33.39 6.29 -0.20
CA ALA B 227 -32.64 7.39 -0.78
C ALA B 227 -31.83 6.97 -2.01
N LYS B 228 -31.15 5.81 -1.94
CA LYS B 228 -30.49 5.27 -3.12
C LYS B 228 -31.44 5.15 -4.30
N SER B 229 -32.67 4.70 -4.05
CA SER B 229 -33.59 4.44 -5.14
C SER B 229 -34.18 5.72 -5.71
N ILE B 230 -34.58 6.67 -4.86
CA ILE B 230 -34.98 7.99 -5.39
C ILE B 230 -33.90 8.53 -6.31
N LEU B 231 -32.62 8.42 -5.89
CA LEU B 231 -31.55 9.01 -6.67
C LEU B 231 -31.39 8.30 -8.01
N GLU B 232 -31.41 6.97 -8.00
CA GLU B 232 -31.25 6.21 -9.25
C GLU B 232 -32.38 6.52 -10.23
N GLU B 233 -33.62 6.53 -9.75
CA GLU B 233 -34.75 6.91 -10.61
C GLU B 233 -34.52 8.27 -11.24
N PHE B 234 -34.28 9.29 -10.40
CA PHE B 234 -34.03 10.65 -10.90
C PHE B 234 -32.95 10.63 -11.95
N LEU B 235 -31.89 9.87 -11.72
CA LEU B 235 -30.76 9.89 -12.63
C LEU B 235 -31.11 9.22 -13.96
N THR B 236 -31.92 8.15 -13.92
CA THR B 236 -32.36 7.51 -15.16
C THR B 236 -33.44 8.30 -15.89
N SER B 237 -34.02 9.33 -15.27
CA SER B 237 -35.02 10.15 -15.93
C SER B 237 -34.53 11.59 -16.15
N SER B 238 -34.87 12.51 -15.24
CA SER B 238 -34.57 13.93 -15.45
C SER B 238 -33.08 14.29 -15.22
N GLY B 239 -32.18 13.32 -15.08
CA GLY B 239 -30.80 13.66 -14.82
C GLY B 239 -29.80 13.09 -15.80
N GLY B 240 -30.23 12.73 -17.01
CA GLY B 240 -29.38 12.07 -17.99
C GLY B 240 -28.10 12.79 -18.33
N ASN B 241 -28.03 14.08 -18.01
CA ASN B 241 -26.87 14.92 -18.32
C ASN B 241 -25.86 14.97 -17.19
N LEU B 242 -26.35 15.05 -15.94
CA LEU B 242 -25.49 15.04 -14.77
C LEU B 242 -24.43 13.95 -14.87
N ARG B 243 -23.18 14.31 -14.66
CA ARG B 243 -22.08 13.37 -14.75
C ARG B 243 -21.37 13.30 -13.40
N PRO B 244 -21.07 12.11 -12.89
CA PRO B 244 -20.44 12.02 -11.58
C PRO B 244 -18.99 12.46 -11.66
N THR B 245 -18.48 13.00 -10.54
CA THR B 245 -17.11 13.53 -10.51
C THR B 245 -16.28 12.95 -9.37
N MET B 246 -16.89 12.69 -8.22
CA MET B 246 -16.11 12.24 -7.08
C MET B 246 -17.08 11.72 -6.03
N LEU B 247 -16.51 11.20 -4.96
CA LEU B 247 -17.23 10.60 -3.86
C LEU B 247 -16.61 11.08 -2.55
N ALA B 248 -17.42 11.24 -1.50
CA ALA B 248 -16.85 11.55 -0.20
C ALA B 248 -17.54 10.74 0.88
N VAL B 249 -16.77 10.42 1.93
CA VAL B 249 -17.26 9.66 3.08
C VAL B 249 -16.75 10.33 4.35
N ASP B 250 -17.48 10.11 5.44
CA ASP B 250 -17.03 10.51 6.78
C ASP B 250 -16.25 9.38 7.42
N ASN B 251 -15.04 9.70 7.92
CA ASN B 251 -14.22 8.70 8.59
C ASN B 251 -14.70 8.45 10.02
N VAL B 252 -15.98 8.10 10.15
CA VAL B 252 -16.62 7.75 11.41
C VAL B 252 -17.34 6.43 11.22
N LYS B 253 -17.88 5.88 12.34
CA LYS B 253 -18.68 4.66 12.38
C LYS B 253 -19.62 4.59 11.18
N PRO B 254 -19.58 3.49 10.42
CA PRO B 254 -20.36 3.44 9.17
C PRO B 254 -21.85 3.75 9.35
N SER B 255 -22.45 3.29 10.44
CA SER B 255 -23.85 3.62 10.70
C SER B 255 -24.06 5.11 10.96
N ASP B 256 -23.00 5.90 11.15
CA ASP B 256 -23.13 7.34 11.29
C ASP B 256 -22.42 8.12 10.19
N SER B 257 -21.84 7.46 9.20
CA SER B 257 -21.16 8.17 8.14
C SER B 257 -22.15 8.59 7.06
N ARG B 258 -21.91 9.77 6.49
CA ARG B 258 -22.62 10.15 5.29
C ARG B 258 -21.89 9.59 4.07
N LEU B 259 -22.63 9.51 2.96
CA LEU B 259 -22.09 9.04 1.69
C LEU B 259 -22.48 10.05 0.63
N LYS B 260 -21.53 10.84 0.16
CA LYS B 260 -21.82 11.96 -0.73
C LYS B 260 -21.32 11.63 -2.13
N PHE B 261 -22.21 11.66 -3.12
CA PHE B 261 -21.82 11.47 -4.50
C PHE B 261 -21.94 12.79 -5.23
N TYR B 262 -20.82 13.24 -5.79
CA TYR B 262 -20.73 14.55 -6.42
C TYR B 262 -20.95 14.43 -7.94
N PHE B 263 -21.61 15.44 -8.51
CA PHE B 263 -21.98 15.45 -9.91
C PHE B 263 -21.78 16.84 -10.46
N GLN B 264 -21.57 16.91 -11.77
CA GLN B 264 -21.52 18.16 -12.51
C GLN B 264 -22.68 18.24 -13.49
N SER B 265 -23.24 19.44 -13.65
CA SER B 265 -24.20 19.70 -14.70
C SER B 265 -23.75 20.88 -15.54
N PRO B 266 -24.02 20.86 -16.86
CA PRO B 266 -23.64 22.02 -17.67
C PRO B 266 -24.60 23.19 -17.54
N ARG B 267 -25.82 22.97 -17.05
CA ARG B 267 -26.82 24.03 -17.03
C ARG B 267 -26.79 24.80 -15.71
N THR B 268 -27.13 26.09 -15.79
CA THR B 268 -27.16 26.94 -14.60
C THR B 268 -28.44 27.77 -14.46
N ASN B 269 -29.45 27.55 -15.30
CA ASN B 269 -30.71 28.25 -15.11
C ASN B 269 -31.42 27.75 -13.86
N PHE B 270 -32.17 28.63 -13.21
CA PHE B 270 -32.80 28.18 -11.98
C PHE B 270 -33.81 27.08 -12.22
N LYS B 271 -34.28 26.90 -13.45
CA LYS B 271 -35.20 25.79 -13.71
C LYS B 271 -34.52 24.47 -13.46
N SER B 272 -33.33 24.27 -14.03
CA SER B 272 -32.59 23.04 -13.75
C SER B 272 -32.30 22.89 -12.26
N VAL B 273 -31.99 23.98 -11.57
CA VAL B 273 -31.73 23.91 -10.14
C VAL B 273 -32.92 23.29 -9.40
N ARG B 274 -34.12 23.83 -9.66
CA ARG B 274 -35.34 23.24 -9.14
C ARG B 274 -35.39 21.74 -9.41
N ASN B 275 -35.06 21.35 -10.65
CA ASN B 275 -35.14 19.95 -11.02
C ASN B 275 -34.16 19.09 -10.20
N VAL B 276 -32.88 19.48 -10.14
CA VAL B 276 -31.90 18.67 -9.43
C VAL B 276 -32.21 18.60 -7.94
N MET B 277 -32.50 19.72 -7.33
CA MET B 277 -32.67 19.73 -5.88
C MET B 277 -33.90 18.99 -5.41
N THR B 278 -34.99 19.10 -6.14
CA THR B 278 -36.14 18.28 -5.78
C THR B 278 -36.01 16.84 -6.27
N LEU B 279 -34.95 16.55 -7.03
CA LEU B 279 -34.78 15.23 -7.66
C LEU B 279 -35.98 14.94 -8.58
N GLY B 280 -36.38 15.94 -9.36
CA GLY B 280 -37.48 15.81 -10.29
C GLY B 280 -38.83 15.63 -9.62
N GLY B 281 -39.12 16.46 -8.63
CA GLY B 281 -40.36 16.37 -7.90
C GLY B 281 -40.41 15.31 -6.83
N ARG B 282 -39.47 14.36 -6.82
CA ARG B 282 -39.54 13.25 -5.87
C ARG B 282 -39.31 13.70 -4.45
N VAL B 283 -38.62 14.82 -4.25
CA VAL B 283 -38.42 15.38 -2.91
C VAL B 283 -38.82 16.85 -2.96
N PRO B 284 -39.97 17.22 -2.40
CA PRO B 284 -40.45 18.58 -2.59
C PRO B 284 -39.83 19.54 -1.60
N ILE B 285 -39.62 20.77 -2.07
CA ILE B 285 -38.97 21.82 -1.32
C ILE B 285 -39.89 23.02 -1.31
N ALA B 286 -40.10 23.60 -0.12
CA ALA B 286 -40.94 24.79 -0.01
C ALA B 286 -40.45 25.88 -0.95
N GLU B 287 -41.40 26.60 -1.55
CA GLU B 287 -41.06 27.52 -2.63
C GLU B 287 -40.22 28.71 -2.14
N THR B 288 -40.49 29.20 -0.92
CA THR B 288 -39.77 30.37 -0.47
C THR B 288 -38.31 30.03 -0.16
N GLN B 289 -38.06 28.78 0.22
CA GLN B 289 -36.69 28.29 0.37
C GLN B 289 -35.95 28.31 -0.96
N LEU B 290 -36.59 27.77 -2.02
CA LEU B 290 -35.98 27.84 -3.33
C LEU B 290 -35.79 29.29 -3.79
N GLN B 291 -36.71 30.17 -3.43
CA GLN B 291 -36.54 31.57 -3.79
C GLN B 291 -35.44 32.21 -2.95
N ASP B 292 -35.30 31.78 -1.68
CA ASP B 292 -34.14 32.19 -0.90
C ASP B 292 -32.84 31.77 -1.60
N LEU B 293 -32.76 30.50 -2.03
CA LEU B 293 -31.59 30.02 -2.77
C LEU B 293 -31.36 30.83 -4.03
N ARG B 294 -32.41 31.00 -4.83
CA ARG B 294 -32.28 31.80 -6.05
C ARG B 294 -31.69 33.16 -5.75
N SER B 295 -32.21 33.81 -4.71
CA SER B 295 -31.70 35.11 -4.28
C SER B 295 -30.21 35.03 -3.95
N LEU B 296 -29.79 33.98 -3.24
CA LEU B 296 -28.37 33.84 -2.91
C LEU B 296 -27.53 33.64 -4.16
N LEU B 297 -27.98 32.75 -5.06
CA LEU B 297 -27.28 32.54 -6.33
C LEU B 297 -27.10 33.85 -7.08
N ASN B 298 -28.17 34.64 -7.19
CA ASN B 298 -28.13 35.86 -7.97
C ASN B 298 -27.27 36.92 -7.31
N ALA B 299 -27.35 37.02 -5.98
CA ALA B 299 -26.50 37.98 -5.26
C ALA B 299 -25.02 37.63 -5.41
N SER B 300 -24.67 36.35 -5.23
CA SER B 300 -23.26 35.97 -5.36
C SER B 300 -22.76 36.20 -6.77
N SER B 301 -23.63 36.06 -7.77
CA SER B 301 -23.24 36.18 -9.16
C SER B 301 -23.24 37.62 -9.64
N GLY B 302 -23.83 38.55 -8.89
CA GLY B 302 -23.89 39.93 -9.31
C GLY B 302 -25.04 40.31 -10.23
N LEU B 303 -26.07 39.49 -10.23
CA LEU B 303 -27.17 39.65 -11.15
C LEU B 303 -28.45 40.23 -10.61
N PRO B 304 -29.37 40.59 -11.53
CA PRO B 304 -30.68 41.06 -11.06
C PRO B 304 -31.24 40.04 -10.11
N ASP B 305 -31.67 40.51 -8.94
CA ASP B 305 -32.27 39.61 -7.98
C ASP B 305 -33.41 38.85 -8.59
N ASP B 306 -34.04 39.45 -9.58
CA ASP B 306 -35.11 38.71 -10.25
C ASP B 306 -34.69 38.22 -11.64
N TYR B 307 -33.39 38.06 -11.87
CA TYR B 307 -32.86 37.37 -13.05
C TYR B 307 -33.67 36.12 -13.36
N ALA B 308 -34.10 36.02 -14.62
CA ALA B 308 -35.16 35.07 -14.98
C ALA B 308 -34.75 33.64 -14.72
N GLU B 309 -35.70 32.85 -14.23
CA GLU B 309 -35.43 31.47 -13.85
C GLU B 309 -35.10 30.57 -15.03
N ASP B 310 -35.25 31.05 -16.27
CA ASP B 310 -35.01 30.23 -17.45
C ASP B 310 -33.68 30.51 -18.13
N LEU B 311 -33.00 31.60 -17.79
CA LEU B 311 -31.71 31.93 -18.38
C LEU B 311 -30.57 31.31 -17.58
N ASP B 312 -29.58 30.78 -18.30
CA ASP B 312 -28.36 30.34 -17.65
C ASP B 312 -27.64 31.54 -17.06
N LEU B 313 -26.76 31.28 -16.10
CA LEU B 313 -25.94 32.35 -15.56
C LEU B 313 -24.94 32.82 -16.59
N PRO B 314 -24.72 34.12 -16.73
CA PRO B 314 -23.65 34.59 -17.63
C PRO B 314 -22.28 34.35 -17.01
N LEU B 315 -21.38 33.80 -17.81
CA LEU B 315 -20.03 33.56 -17.34
C LEU B 315 -19.27 34.89 -17.21
N ALA B 316 -18.22 34.87 -16.40
CA ALA B 316 -17.42 36.07 -16.19
C ALA B 316 -16.47 36.25 -17.38
N GLU B 317 -16.71 37.28 -18.20
CA GLU B 317 -15.92 37.47 -19.42
C GLU B 317 -14.63 38.24 -19.19
N HIS B 318 -14.61 39.18 -18.24
CA HIS B 318 -13.49 40.10 -18.07
C HIS B 318 -12.33 39.49 -17.30
N PHE B 319 -12.45 38.27 -16.79
CA PHE B 319 -11.33 37.58 -16.15
C PHE B 319 -10.85 36.42 -17.02
N LEU B 334 -16.29 24.80 -18.78
CA LEU B 334 -16.30 25.90 -17.83
C LEU B 334 -17.69 26.17 -17.16
N PRO B 335 -18.80 26.18 -17.90
CA PRO B 335 -20.09 26.49 -17.28
C PRO B 335 -20.65 25.33 -16.46
N GLY B 336 -21.61 25.66 -15.61
CA GLY B 336 -22.40 24.64 -14.93
C GLY B 336 -22.29 24.74 -13.41
N PHE B 337 -23.13 23.92 -12.77
CA PHE B 337 -23.24 23.76 -11.33
C PHE B 337 -22.60 22.45 -10.89
N GLY B 338 -22.16 22.44 -9.64
CA GLY B 338 -21.77 21.21 -8.98
C GLY B 338 -22.87 20.86 -7.99
N TYR B 339 -23.00 19.57 -7.69
CA TYR B 339 -23.95 19.13 -6.67
C TYR B 339 -23.33 17.96 -5.96
N TYR B 340 -23.88 17.63 -4.80
CA TYR B 340 -23.73 16.28 -4.31
C TYR B 340 -25.07 15.76 -3.84
N PHE B 341 -25.18 14.43 -3.79
CA PHE B 341 -26.33 13.72 -3.23
C PHE B 341 -25.83 12.86 -2.08
N ASP B 342 -26.39 13.08 -0.91
CA ASP B 342 -26.06 12.31 0.27
C ASP B 342 -27.09 11.19 0.40
N ILE B 343 -26.67 9.95 0.15
CA ILE B 343 -27.59 8.82 0.17
C ILE B 343 -27.12 7.79 1.21
N ALA B 344 -26.44 8.27 2.24
CA ALA B 344 -26.11 7.44 3.39
C ALA B 344 -27.38 6.78 3.94
N PRO B 345 -27.36 5.48 4.24
CA PRO B 345 -28.57 4.83 4.75
C PRO B 345 -29.09 5.49 6.03
N GLY B 346 -30.39 5.38 6.24
CA GLY B 346 -31.06 5.99 7.37
C GLY B 346 -31.96 7.16 7.05
N ARG B 347 -32.16 7.42 5.76
CA ARG B 347 -32.94 8.55 5.33
C ARG B 347 -33.82 8.12 4.19
N GLU B 348 -35.09 8.49 4.25
CA GLU B 348 -36.01 8.10 3.20
C GLU B 348 -35.75 8.91 1.95
N TYR B 349 -34.74 9.77 1.99
CA TYR B 349 -34.48 10.64 0.85
C TYR B 349 -33.07 11.17 0.77
N PRO B 350 -32.61 11.41 -0.45
CA PRO B 350 -31.28 11.97 -0.65
C PRO B 350 -31.19 13.44 -0.30
N GLU B 351 -30.10 13.88 0.33
CA GLU B 351 -29.91 15.31 0.59
C GLU B 351 -29.09 15.91 -0.53
N VAL B 352 -29.36 17.14 -0.89
CA VAL B 352 -28.71 17.75 -2.06
C VAL B 352 -28.01 19.04 -1.64
N LYS B 353 -26.73 19.16 -1.98
CA LYS B 353 -26.04 20.43 -1.85
C LYS B 353 -25.69 20.90 -3.25
N ILE B 354 -25.94 22.18 -3.52
CA ILE B 354 -25.56 22.79 -4.79
C ILE B 354 -24.30 23.62 -4.56
N PHE B 355 -23.41 23.63 -5.56
CA PHE B 355 -22.14 24.35 -5.51
C PHE B 355 -22.12 25.36 -6.63
N LEU B 356 -22.19 26.65 -6.30
CA LEU B 356 -22.02 27.71 -7.28
C LEU B 356 -20.53 27.98 -7.45
N ARG B 357 -20.07 27.97 -8.71
CA ARG B 357 -18.64 28.02 -9.00
C ARG B 357 -18.18 29.46 -9.18
N LEU B 358 -17.46 29.98 -8.18
CA LEU B 358 -17.10 31.39 -8.13
C LEU B 358 -15.82 31.69 -8.90
N THR B 359 -15.20 30.69 -9.50
CA THR B 359 -14.16 30.95 -10.49
C THR B 359 -14.76 31.20 -11.87
N ALA B 360 -15.94 30.65 -12.15
CA ALA B 360 -16.57 30.80 -13.46
C ALA B 360 -17.65 31.86 -13.51
N TYR B 361 -18.32 32.11 -12.39
CA TYR B 361 -19.42 33.06 -12.34
C TYR B 361 -19.13 34.16 -11.33
N GLY B 362 -19.84 35.28 -11.47
CA GLY B 362 -19.66 36.41 -10.59
C GLY B 362 -18.39 37.19 -10.89
N GLN B 363 -18.21 38.26 -10.12
CA GLN B 363 -17.14 39.23 -10.38
C GLN B 363 -15.92 39.00 -9.49
N ASP B 364 -15.26 40.08 -9.10
CA ASP B 364 -14.09 39.96 -8.23
C ASP B 364 -14.49 39.45 -6.85
N ASP B 365 -13.47 39.10 -6.06
CA ASP B 365 -13.69 38.46 -4.77
C ASP B 365 -14.44 39.37 -3.80
N THR B 366 -14.17 40.68 -3.85
CA THR B 366 -14.87 41.61 -2.97
C THR B 366 -16.35 41.69 -3.32
N SER B 367 -16.67 41.87 -4.61
CA SER B 367 -18.08 41.88 -5.04
C SER B 367 -18.78 40.57 -4.70
N MET B 368 -18.08 39.43 -4.83
CA MET B 368 -18.78 38.19 -4.49
C MET B 368 -18.96 38.08 -2.98
N GLY B 369 -17.93 38.44 -2.21
CA GLY B 369 -18.09 38.45 -0.76
C GLY B 369 -19.21 39.37 -0.29
N ARG B 370 -19.26 40.58 -0.84
CA ARG B 370 -20.33 41.52 -0.48
C ARG B 370 -21.69 41.03 -0.97
N GLY B 371 -21.73 40.37 -2.13
CA GLY B 371 -22.97 39.74 -2.56
C GLY B 371 -23.49 38.71 -1.58
N ILE B 372 -22.63 37.78 -1.16
CA ILE B 372 -23.03 36.81 -0.13
C ILE B 372 -23.41 37.52 1.17
N SER B 373 -22.64 38.54 1.55
CA SER B 373 -22.85 39.26 2.81
C SER B 373 -24.17 40.01 2.81
N ALA B 374 -24.51 40.67 1.70
CA ALA B 374 -25.80 41.33 1.59
C ALA B 374 -26.93 40.35 1.78
N TRP B 375 -26.77 39.12 1.28
CA TRP B 375 -27.81 38.11 1.44
C TRP B 375 -27.89 37.68 2.90
N MET B 376 -26.74 37.38 3.51
CA MET B 376 -26.70 37.05 4.92
C MET B 376 -27.33 38.13 5.79
N THR B 377 -27.02 39.40 5.50
CA THR B 377 -27.56 40.51 6.27
C THR B 377 -29.07 40.60 6.11
N ALA B 378 -29.56 40.48 4.86
CA ALA B 378 -31.00 40.46 4.62
C ALA B 378 -31.70 39.35 5.39
N HIS B 379 -31.00 38.27 5.72
CA HIS B 379 -31.60 37.16 6.45
C HIS B 379 -31.23 37.20 7.92
N GLY B 380 -30.71 38.32 8.42
CA GLY B 380 -30.38 38.42 9.81
C GLY B 380 -29.22 37.58 10.23
N ARG B 381 -28.36 37.20 9.28
CA ARG B 381 -27.22 36.34 9.54
C ARG B 381 -25.90 37.04 9.21
N GLY B 382 -25.90 38.39 9.26
CA GLY B 382 -24.78 39.19 8.77
C GLY B 382 -23.77 39.62 9.83
N GLU B 383 -23.89 39.08 11.04
CA GLU B 383 -23.06 39.45 12.17
C GLU B 383 -21.56 39.27 11.91
N TYR B 384 -21.17 38.25 11.16
CA TYR B 384 -19.74 38.00 10.97
C TYR B 384 -19.22 38.50 9.63
N CYS B 385 -20.05 39.11 8.80
CA CYS B 385 -19.65 39.45 7.43
C CYS B 385 -18.42 40.35 7.36
N PRO B 386 -18.32 41.47 8.11
CA PRO B 386 -17.11 42.30 7.97
C PRO B 386 -15.86 41.55 8.40
N ARG B 387 -15.95 40.73 9.43
CA ARG B 387 -14.81 39.92 9.83
C ARG B 387 -14.47 38.87 8.78
N TYR B 388 -15.47 38.32 8.10
CA TYR B 388 -15.20 37.41 6.99
C TYR B 388 -14.48 38.13 5.87
N MET B 389 -14.94 39.32 5.51
CA MET B 389 -14.30 40.06 4.43
C MET B 389 -12.87 40.41 4.79
N SER B 390 -12.63 40.79 6.04
CA SER B 390 -11.26 41.17 6.42
C SER B 390 -10.32 39.97 6.42
N ALA B 391 -10.77 38.80 6.89
CA ALA B 391 -9.95 37.60 6.78
C ALA B 391 -9.67 37.23 5.31
N LEU B 392 -10.64 37.39 4.43
CA LEU B 392 -10.38 37.10 3.02
C LEU B 392 -9.22 37.94 2.50
N GLU B 393 -9.11 39.19 2.99
CA GLU B 393 -8.01 40.04 2.54
C GLU B 393 -6.66 39.43 2.91
N THR B 394 -6.58 38.73 4.04
CA THR B 394 -5.32 38.09 4.42
C THR B 394 -4.99 36.85 3.59
N LEU B 395 -5.95 36.32 2.81
CA LEU B 395 -5.69 35.12 2.01
C LEU B 395 -5.03 35.44 0.69
N VAL B 396 -5.13 36.67 0.23
CA VAL B 396 -4.61 37.04 -1.08
C VAL B 396 -3.34 37.84 -0.89
N HIS B 397 -2.34 37.52 -1.70
CA HIS B 397 -1.04 38.18 -1.64
C HIS B 397 -0.77 38.89 -2.95
N GLY B 398 -0.22 40.10 -2.86
CA GLY B 398 0.23 40.78 -4.06
C GLY B 398 -0.88 41.24 -4.98
N ARG B 399 -2.01 41.65 -4.43
CA ARG B 399 -3.12 42.29 -5.13
C ARG B 399 -4.18 42.61 -4.07
N HIS B 400 -5.03 43.58 -4.37
CA HIS B 400 -6.19 43.81 -3.53
C HIS B 400 -7.31 42.82 -3.87
N LEU B 401 -8.12 42.49 -2.86
CA LEU B 401 -9.21 41.54 -3.04
C LEU B 401 -10.17 41.96 -4.14
N SER B 402 -10.38 43.26 -4.32
CA SER B 402 -11.31 43.77 -5.32
C SER B 402 -10.76 43.72 -6.74
N GLU B 403 -9.51 43.33 -6.92
CA GLU B 403 -8.85 43.43 -8.21
C GLU B 403 -8.94 42.16 -9.05
N GLY B 404 -9.64 41.13 -8.58
CA GLY B 404 -9.86 39.97 -9.41
C GLY B 404 -10.42 38.80 -8.63
N LYS B 405 -10.50 37.68 -9.32
CA LYS B 405 -10.85 36.39 -8.76
C LYS B 405 -9.61 35.65 -8.27
N GLY B 406 -9.82 34.68 -7.37
CA GLY B 406 -8.73 33.81 -7.00
C GLY B 406 -8.86 33.25 -5.61
N VAL B 407 -9.57 33.95 -4.73
CA VAL B 407 -9.73 33.50 -3.35
C VAL B 407 -10.95 32.59 -3.23
N HIS B 408 -12.14 33.11 -3.57
CA HIS B 408 -13.34 32.28 -3.56
C HIS B 408 -13.22 31.20 -4.61
N THR B 409 -13.59 29.97 -4.26
CA THR B 409 -13.82 28.95 -5.28
C THR B 409 -15.29 28.55 -5.41
N HIS B 410 -16.03 28.45 -4.30
CA HIS B 410 -17.42 28.06 -4.38
C HIS B 410 -18.20 28.70 -3.24
N VAL B 411 -19.50 28.81 -3.43
CA VAL B 411 -20.44 28.97 -2.32
C VAL B 411 -21.51 27.90 -2.51
N SER B 412 -21.91 27.25 -1.43
CA SER B 412 -22.80 26.11 -1.51
C SER B 412 -24.05 26.34 -0.67
N CYS B 413 -25.08 25.52 -0.92
CA CYS B 413 -26.31 25.60 -0.14
C CYS B 413 -26.94 24.21 -0.03
N LEU B 414 -27.48 23.92 1.16
CA LEU B 414 -28.23 22.69 1.39
C LEU B 414 -29.40 23.01 2.30
N PHE B 415 -30.60 22.56 1.92
CA PHE B 415 -31.80 22.76 2.72
C PHE B 415 -31.86 21.74 3.85
N LYS B 416 -31.58 22.17 5.07
CA LYS B 416 -31.60 21.28 6.22
C LYS B 416 -33.02 20.85 6.56
N LYS B 417 -33.12 19.80 7.37
CA LYS B 417 -34.41 19.21 7.69
C LYS B 417 -35.31 20.21 8.40
N ASP B 418 -34.74 21.00 9.32
CA ASP B 418 -35.48 21.97 10.11
C ASP B 418 -35.77 23.25 9.35
N GLY B 419 -35.42 23.32 8.07
CA GLY B 419 -35.74 24.45 7.24
C GLY B 419 -34.62 25.44 7.00
N THR B 420 -33.52 25.39 7.76
CA THR B 420 -32.47 26.37 7.55
C THR B 420 -31.64 26.09 6.29
N LEU B 421 -31.16 27.16 5.66
CA LEU B 421 -30.24 27.06 4.55
C LEU B 421 -28.80 27.01 5.07
N ASP B 422 -28.15 25.87 4.90
CA ASP B 422 -26.75 25.69 5.30
C ASP B 422 -25.86 26.17 4.17
N ILE B 423 -25.17 27.29 4.39
CA ILE B 423 -24.38 28.00 3.38
C ILE B 423 -22.92 27.96 3.78
N THR B 424 -22.05 27.66 2.81
CA THR B 424 -20.63 27.73 3.11
C THR B 424 -19.85 28.28 1.93
N SER B 425 -18.84 29.09 2.26
CA SER B 425 -17.89 29.62 1.28
C SER B 425 -16.64 28.74 1.27
N TYR B 426 -16.15 28.44 0.08
CA TYR B 426 -14.92 27.68 -0.09
C TYR B 426 -13.86 28.64 -0.58
N LEU B 427 -12.67 28.57 0.02
CA LEU B 427 -11.67 29.61 -0.10
C LEU B 427 -10.29 29.00 -0.23
N VAL B 428 -9.43 29.69 -0.97
CA VAL B 428 -8.11 29.16 -1.29
C VAL B 428 -7.07 30.26 -1.05
N PRO B 429 -5.90 29.94 -0.50
CA PRO B 429 -4.83 30.95 -0.44
C PRO B 429 -4.39 31.31 -1.85
N GLU B 430 -3.88 32.53 -2.02
CA GLU B 430 -3.36 32.98 -3.30
C GLU B 430 -1.97 33.56 -3.07
N ILE B 431 -0.93 32.94 -3.65
CA ILE B 431 0.45 33.23 -3.29
C ILE B 431 1.23 34.01 -4.35
N SER B 432 0.75 34.12 -5.59
CA SER B 432 1.58 34.70 -6.64
C SER B 432 1.63 36.21 -6.52
N SER B 433 2.85 36.75 -6.41
CA SER B 433 3.00 38.21 -6.43
C SER B 433 2.56 38.79 -7.76
N GLN B 434 2.79 38.06 -8.85
CA GLN B 434 2.18 38.35 -10.14
C GLN B 434 0.99 37.42 -10.29
N PRO B 435 -0.24 37.86 -9.98
CA PRO B 435 -1.39 36.95 -10.03
C PRO B 435 -1.79 36.58 -11.44
N GLN B 436 -2.95 35.98 -11.57
CA GLN B 436 -3.37 35.38 -12.83
C GLN B 436 -4.78 35.76 -13.25
N MET B 437 -5.73 35.79 -12.33
CA MET B 437 -7.12 36.05 -12.71
C MET B 437 -7.57 37.45 -12.37
N LEU B 438 -6.81 38.43 -12.81
CA LEU B 438 -7.16 39.81 -12.55
C LEU B 438 -8.12 40.31 -13.62
N TYR B 439 -8.78 41.43 -13.35
CA TYR B 439 -9.73 41.99 -14.31
C TYR B 439 -9.06 42.28 -15.63
#